data_9QS9
#
_entry.id   9QS9
#
_cell.length_a   66.271
_cell.length_b   102.899
_cell.length_c   72.442
_cell.angle_alpha   90.000
_cell.angle_beta   103.881
_cell.angle_gamma   90.000
#
_symmetry.space_group_name_H-M   'P 1 21 1'
#
loop_
_entity.id
_entity.type
_entity.pdbx_description
1 polymer 'Crn4 H15A'
2 polymer 'Cyclic polyA'
3 non-polymer 'MAGNESIUM ION'
4 water water
#
loop_
_entity_poly.entity_id
_entity_poly.type
_entity_poly.pdbx_seq_one_letter_code
_entity_poly.pdbx_strand_id
1 'polypeptide(L)'
;MTSATPVTLVNLTPAEVILHLDGGPLRLPGADVVPRLLLSEGRQETLAVYDPERPGEAAVAREVPIAVGATWLGIDPPLP
EPRPGTVYVTSRVVAEHFPERTDLVWPDDLIRDADGQVVGARRLGCLPRGDDDGAPGDLDERRRAEGER
;
A,B,F,E,C,D
2 'polyribonucleotide' AAAAAA G,J,K
#
loop_
_chem_comp.id
_chem_comp.type
_chem_comp.name
_chem_comp.formula
A RNA linking ADENOSINE-5'-MONOPHOSPHATE 'C10 H14 N5 O7 P'
MG non-polymer 'MAGNESIUM ION' 'Mg 2'
#
# COMPACT_ATOMS: atom_id res chain seq x y z
N THR A 5 13.27 28.83 4.74
CA THR A 5 14.68 28.49 4.47
C THR A 5 14.78 26.99 4.19
N PRO A 6 15.26 26.58 2.98
CA PRO A 6 15.42 25.17 2.67
C PRO A 6 16.44 24.47 3.58
N VAL A 7 16.27 23.15 3.73
CA VAL A 7 17.19 22.32 4.50
C VAL A 7 17.98 21.44 3.53
N THR A 8 19.14 20.97 4.01
CA THR A 8 19.93 19.98 3.31
C THR A 8 19.54 18.60 3.83
N LEU A 9 19.11 17.71 2.93
CA LEU A 9 18.83 16.32 3.27
C LEU A 9 20.13 15.52 3.24
N VAL A 10 20.38 14.76 4.31
CA VAL A 10 21.53 13.87 4.40
C VAL A 10 21.01 12.45 4.58
N ASN A 11 21.37 11.57 3.64
CA ASN A 11 20.93 10.18 3.64
C ASN A 11 21.87 9.35 4.51
N LEU A 12 21.33 8.80 5.60
CA LEU A 12 22.09 7.93 6.49
C LEU A 12 21.86 6.46 6.15
N THR A 13 20.95 6.18 5.21
CA THR A 13 20.64 4.80 4.83
C THR A 13 21.64 4.36 3.76
N PRO A 14 21.92 3.03 3.66
CA PRO A 14 22.95 2.54 2.74
C PRO A 14 22.56 2.51 1.27
N ALA A 15 21.26 2.60 0.98
CA ALA A 15 20.77 2.55 -0.39
C ALA A 15 20.54 3.97 -0.90
N GLU A 16 20.60 4.12 -2.23
CA GLU A 16 20.19 5.35 -2.88
C GLU A 16 18.72 5.58 -2.56
N VAL A 17 18.37 6.81 -2.14
CA VAL A 17 17.00 7.18 -1.89
C VAL A 17 16.54 8.08 -3.04
N ILE A 18 15.40 7.72 -3.65
CA ILE A 18 14.81 8.53 -4.70
C ILE A 18 13.42 8.98 -4.22
N LEU A 19 13.24 10.30 -4.14
CA LEU A 19 11.93 10.88 -3.88
C LEU A 19 11.33 11.28 -5.22
N HIS A 20 10.22 10.63 -5.56
CA HIS A 20 9.55 10.84 -6.84
C HIS A 20 8.55 11.97 -6.67
N LEU A 21 8.97 13.18 -7.06
CA LEU A 21 8.20 14.40 -6.87
C LEU A 21 7.61 14.84 -8.21
N ASP A 22 6.68 15.79 -8.15
CA ASP A 22 5.96 16.24 -9.34
C ASP A 22 6.86 16.93 -10.36
N GLY A 23 7.93 17.64 -9.97
CA GLY A 23 8.76 18.34 -10.92
C GLY A 23 9.93 17.50 -11.42
N GLY A 24 9.98 16.22 -11.02
CA GLY A 24 11.11 15.34 -11.28
C GLY A 24 11.66 14.72 -10.01
N PRO A 25 12.48 13.64 -10.10
CA PRO A 25 12.98 12.96 -8.91
C PRO A 25 14.07 13.73 -8.17
N LEU A 26 14.16 13.48 -6.86
CA LEU A 26 15.23 13.97 -6.03
C LEU A 26 16.01 12.75 -5.53
N ARG A 27 17.30 12.70 -5.85
CA ARG A 27 18.13 11.52 -5.61
C ARG A 27 19.15 11.84 -4.52
N LEU A 28 19.19 10.96 -3.49
CA LEU A 28 20.17 11.06 -2.41
C LEU A 28 21.07 9.83 -2.45
N PRO A 29 22.40 10.00 -2.61
CA PRO A 29 23.31 8.85 -2.62
C PRO A 29 23.27 8.06 -1.31
N GLY A 30 23.51 6.76 -1.40
CA GLY A 30 23.59 5.90 -0.23
C GLY A 30 24.81 6.27 0.63
N ALA A 31 24.70 5.99 1.93
CA ALA A 31 25.80 6.23 2.86
C ALA A 31 27.00 5.38 2.46
N ASP A 32 28.20 5.91 2.72
CA ASP A 32 29.45 5.26 2.35
C ASP A 32 29.63 3.95 3.10
N VAL A 33 29.18 3.92 4.36
CA VAL A 33 29.32 2.75 5.21
C VAL A 33 27.94 2.22 5.58
N VAL A 34 27.78 0.90 5.54
CA VAL A 34 26.53 0.25 5.88
C VAL A 34 26.35 0.35 7.40
N PRO A 35 25.32 1.06 7.90
CA PRO A 35 25.08 1.15 9.33
C PRO A 35 24.33 -0.06 9.85
N ARG A 36 24.39 -0.30 11.18
CA ARG A 36 23.75 -1.49 11.72
C ARG A 36 23.07 -1.17 13.05
N LEU A 37 22.02 -1.94 13.33
CA LEU A 37 21.38 -1.96 14.62
C LEU A 37 22.18 -2.88 15.53
N LEU A 38 22.25 -2.52 16.82
CA LEU A 38 22.80 -3.37 17.85
C LEU A 38 21.65 -4.11 18.53
N LEU A 39 21.70 -5.44 18.47
CA LEU A 39 20.65 -6.28 19.01
C LEU A 39 21.25 -7.28 20.00
N SER A 40 20.45 -7.66 21.00
CA SER A 40 20.78 -8.78 21.86
C SER A 40 20.70 -10.07 21.03
N GLU A 41 21.26 -11.16 21.58
CA GLU A 41 21.31 -12.42 20.86
C GLU A 41 19.92 -13.08 20.83
N GLY A 42 19.08 -12.75 21.83
CA GLY A 42 17.83 -13.47 22.02
C GLY A 42 18.10 -14.95 22.32
N ARG A 43 17.09 -15.79 22.13
CA ARG A 43 17.25 -17.23 22.28
C ARG A 43 17.49 -17.81 20.89
N GLN A 44 18.68 -18.39 20.69
CA GLN A 44 19.07 -18.92 19.38
C GLN A 44 18.55 -20.35 19.25
N GLU A 45 17.73 -20.58 18.21
CA GLU A 45 17.16 -21.88 17.92
C GLU A 45 17.28 -22.17 16.43
N THR A 46 16.80 -23.35 16.03
N THR A 46 16.80 -23.35 16.03
CA THR A 46 16.73 -23.74 14.63
CA THR A 46 16.73 -23.74 14.63
C THR A 46 15.29 -24.10 14.31
C THR A 46 15.29 -24.10 14.31
N LEU A 47 14.83 -23.70 13.11
CA LEU A 47 13.50 -24.03 12.63
C LEU A 47 13.64 -24.95 11.42
N ALA A 48 13.10 -26.17 11.55
CA ALA A 48 13.04 -27.09 10.43
C ALA A 48 11.95 -26.63 9.46
N VAL A 49 12.34 -26.43 8.20
N VAL A 49 12.34 -26.41 8.19
CA VAL A 49 11.45 -25.90 7.17
CA VAL A 49 11.42 -25.92 7.19
C VAL A 49 11.52 -26.82 5.96
C VAL A 49 11.52 -26.82 5.96
N TYR A 50 10.38 -27.03 5.29
CA TYR A 50 10.35 -27.76 4.04
C TYR A 50 11.06 -26.92 2.97
N ASP A 51 11.82 -27.61 2.12
CA ASP A 51 12.42 -26.99 0.95
C ASP A 51 11.27 -26.64 -0.01
N PRO A 52 11.08 -25.35 -0.38
CA PRO A 52 10.00 -24.99 -1.29
C PRO A 52 10.08 -25.68 -2.66
N GLU A 53 11.28 -26.16 -3.01
CA GLU A 53 11.47 -26.93 -4.23
C GLU A 53 10.89 -28.33 -4.08
N ARG A 54 10.86 -28.83 -2.84
CA ARG A 54 10.40 -30.19 -2.55
C ARG A 54 9.38 -30.15 -1.41
N PRO A 55 8.18 -29.56 -1.64
CA PRO A 55 7.21 -29.36 -0.57
C PRO A 55 6.73 -30.65 0.09
N GLY A 56 6.72 -30.65 1.43
CA GLY A 56 6.14 -31.73 2.21
C GLY A 56 7.12 -32.89 2.43
N GLU A 57 8.32 -32.80 1.86
CA GLU A 57 9.32 -33.86 1.98
C GLU A 57 10.26 -33.55 3.14
N ALA A 58 10.03 -34.21 4.28
CA ALA A 58 10.80 -34.00 5.49
C ALA A 58 12.26 -34.44 5.29
N ALA A 59 12.47 -35.38 4.37
CA ALA A 59 13.79 -35.94 4.10
C ALA A 59 14.78 -34.85 3.68
N VAL A 60 14.29 -33.84 2.95
CA VAL A 60 15.15 -32.81 2.38
C VAL A 60 14.79 -31.44 2.97
N ALA A 61 14.28 -31.44 4.20
CA ALA A 61 13.96 -30.20 4.90
C ALA A 61 15.25 -29.47 5.26
N ARG A 62 15.16 -28.14 5.38
CA ARG A 62 16.31 -27.29 5.69
C ARG A 62 16.23 -26.86 7.15
N GLU A 63 17.40 -26.57 7.74
CA GLU A 63 17.50 -26.02 9.08
C GLU A 63 17.75 -24.51 8.97
N VAL A 64 16.82 -23.71 9.51
CA VAL A 64 16.91 -22.27 9.43
C VAL A 64 17.22 -21.72 10.83
N PRO A 65 18.34 -21.00 11.02
CA PRO A 65 18.58 -20.31 12.29
C PRO A 65 17.50 -19.27 12.58
N ILE A 66 17.04 -19.23 13.83
CA ILE A 66 16.08 -18.22 14.25
C ILE A 66 16.53 -17.62 15.58
N ALA A 67 16.57 -16.28 15.64
CA ALA A 67 16.79 -15.57 16.88
C ALA A 67 15.44 -15.20 17.48
N VAL A 68 15.10 -15.80 18.63
CA VAL A 68 13.83 -15.55 19.28
C VAL A 68 14.01 -14.38 20.25
N GLY A 69 13.35 -13.26 19.94
CA GLY A 69 13.27 -12.13 20.82
C GLY A 69 14.59 -11.36 20.96
N ALA A 70 15.34 -11.22 19.87
CA ALA A 70 16.47 -10.30 19.84
C ALA A 70 15.94 -8.89 20.05
N THR A 71 16.58 -8.14 20.96
CA THR A 71 16.05 -6.87 21.45
C THR A 71 16.98 -5.73 21.05
N TRP A 72 16.39 -4.55 20.83
CA TRP A 72 17.11 -3.33 20.50
C TRP A 72 18.05 -2.93 21.63
N LEU A 73 19.34 -2.77 21.32
CA LEU A 73 20.33 -2.27 22.28
C LEU A 73 20.80 -0.88 21.90
N GLY A 74 20.71 -0.53 20.61
CA GLY A 74 21.21 0.75 20.13
C GLY A 74 21.63 0.65 18.67
N ILE A 75 22.51 1.56 18.23
CA ILE A 75 22.89 1.66 16.83
C ILE A 75 24.39 1.91 16.72
N ASP A 76 24.98 1.40 15.62
CA ASP A 76 26.36 1.66 15.26
C ASP A 76 26.50 1.90 13.77
N PRO A 77 26.84 3.13 13.30
CA PRO A 77 27.23 4.24 14.15
C PRO A 77 26.07 4.93 14.86
N PRO A 78 26.35 5.79 15.86
CA PRO A 78 25.33 6.63 16.46
C PRO A 78 24.85 7.68 15.47
N LEU A 79 23.70 8.31 15.75
CA LEU A 79 23.21 9.38 14.90
C LEU A 79 24.22 10.51 14.90
N PRO A 80 24.44 11.20 13.76
CA PRO A 80 25.17 12.47 13.79
C PRO A 80 24.47 13.49 14.67
N GLU A 81 25.25 14.41 15.26
CA GLU A 81 24.67 15.46 16.09
C GLU A 81 23.78 16.34 15.21
N PRO A 82 22.69 16.92 15.77
CA PRO A 82 21.91 17.90 15.04
C PRO A 82 22.77 19.03 14.49
N ARG A 83 22.53 19.41 13.24
CA ARG A 83 23.22 20.51 12.59
C ARG A 83 22.18 21.48 12.05
N PRO A 84 22.28 22.80 12.30
CA PRO A 84 21.32 23.76 11.76
C PRO A 84 21.18 23.66 10.24
N GLY A 85 19.94 23.49 9.77
CA GLY A 85 19.63 23.45 8.35
C GLY A 85 19.86 22.07 7.72
N THR A 86 20.08 21.05 8.55
CA THR A 86 20.23 19.68 8.09
C THR A 86 19.09 18.83 8.63
N VAL A 87 18.51 18.01 7.73
CA VAL A 87 17.56 16.98 8.11
C VAL A 87 18.12 15.64 7.65
N TYR A 88 18.11 14.65 8.55
CA TYR A 88 18.69 13.35 8.27
C TYR A 88 17.59 12.39 7.81
N VAL A 89 17.84 11.71 6.69
CA VAL A 89 16.98 10.66 6.20
C VAL A 89 17.49 9.34 6.76
N THR A 90 16.66 8.65 7.53
CA THR A 90 17.01 7.37 8.11
C THR A 90 15.82 6.43 7.96
N SER A 91 15.82 5.32 8.70
CA SER A 91 14.71 4.40 8.72
C SER A 91 13.69 4.85 9.76
N ARG A 92 12.43 4.41 9.60
N ARG A 92 12.43 4.41 9.60
CA ARG A 92 11.39 4.71 10.57
CA ARG A 92 11.39 4.71 10.57
C ARG A 92 11.77 4.08 11.91
C ARG A 92 11.77 4.08 11.91
N VAL A 93 12.31 2.85 11.89
CA VAL A 93 12.61 2.13 13.12
C VAL A 93 13.66 2.90 13.93
N VAL A 94 14.64 3.51 13.27
CA VAL A 94 15.63 4.31 13.96
C VAL A 94 14.97 5.57 14.51
N ALA A 95 14.18 6.26 13.68
CA ALA A 95 13.55 7.51 14.08
C ALA A 95 12.66 7.31 15.31
N GLU A 96 11.93 6.19 15.36
N GLU A 96 11.93 6.19 15.36
CA GLU A 96 11.00 5.92 16.45
CA GLU A 96 11.00 5.92 16.45
C GLU A 96 11.75 5.71 17.77
C GLU A 96 11.75 5.71 17.77
N HIS A 97 13.03 5.30 17.68
CA HIS A 97 13.85 5.06 18.88
C HIS A 97 14.52 6.34 19.37
N PHE A 98 14.38 7.43 18.60
CA PHE A 98 14.91 8.73 18.99
C PHE A 98 13.82 9.78 18.86
N PRO A 99 12.72 9.67 19.64
CA PRO A 99 11.56 10.54 19.46
C PRO A 99 11.83 12.01 19.81
N GLU A 100 12.89 12.26 20.57
CA GLU A 100 13.28 13.62 20.95
C GLU A 100 13.85 14.36 19.74
N ARG A 101 14.40 13.62 18.76
CA ARG A 101 15.01 14.21 17.58
C ARG A 101 13.90 14.61 16.60
N THR A 102 13.86 15.90 16.25
CA THR A 102 12.86 16.44 15.34
C THR A 102 13.51 16.72 13.98
N ASP A 103 14.73 16.22 13.77
CA ASP A 103 15.46 16.43 12.53
C ASP A 103 15.61 15.11 11.76
N LEU A 104 14.79 14.11 12.11
CA LEU A 104 14.86 12.80 11.48
C LEU A 104 13.59 12.58 10.66
N VAL A 105 13.78 12.08 9.44
CA VAL A 105 12.68 11.71 8.56
C VAL A 105 13.00 10.35 7.97
N TRP A 106 11.97 9.68 7.44
CA TRP A 106 12.16 8.47 6.67
C TRP A 106 11.44 8.60 5.33
N PRO A 107 11.88 7.88 4.28
CA PRO A 107 11.13 7.81 3.03
C PRO A 107 9.81 7.06 3.26
N ASP A 108 8.73 7.54 2.63
CA ASP A 108 7.41 7.03 2.94
C ASP A 108 6.57 6.98 1.65
N ASP A 109 5.46 6.23 1.72
CA ASP A 109 4.60 5.99 0.58
C ASP A 109 5.45 5.43 -0.56
N LEU A 110 5.96 4.20 -0.36
CA LEU A 110 7.03 3.68 -1.17
C LEU A 110 6.51 3.14 -2.49
N ILE A 111 7.42 3.17 -3.48
CA ILE A 111 7.19 2.64 -4.81
C ILE A 111 8.04 1.37 -4.95
N ARG A 112 7.40 0.29 -5.41
CA ARG A 112 8.09 -0.98 -5.60
CA ARG A 112 8.09 -0.98 -5.60
C ARG A 112 8.02 -1.36 -7.08
N ASP A 113 9.07 -2.05 -7.54
CA ASP A 113 9.19 -2.46 -8.93
C ASP A 113 8.49 -3.80 -9.13
N ALA A 114 8.67 -4.38 -10.32
CA ALA A 114 7.99 -5.61 -10.71
C ALA A 114 8.47 -6.81 -9.87
N ASP A 115 9.65 -6.69 -9.26
CA ASP A 115 10.21 -7.75 -8.43
C ASP A 115 9.90 -7.50 -6.96
N GLY A 116 9.13 -6.44 -6.65
CA GLY A 116 8.68 -6.16 -5.31
C GLY A 116 9.70 -5.37 -4.49
N GLN A 117 10.75 -4.86 -5.15
CA GLN A 117 11.82 -4.16 -4.46
C GLN A 117 11.50 -2.67 -4.42
N VAL A 118 11.85 -2.03 -3.29
CA VAL A 118 11.64 -0.60 -3.13
C VAL A 118 12.60 0.14 -4.07
N VAL A 119 12.06 1.08 -4.86
CA VAL A 119 12.86 1.82 -5.83
C VAL A 119 12.68 3.33 -5.65
N GLY A 120 11.71 3.75 -4.82
CA GLY A 120 11.45 5.17 -4.64
C GLY A 120 10.43 5.41 -3.53
N ALA A 121 10.22 6.68 -3.22
CA ALA A 121 9.23 7.12 -2.24
C ALA A 121 8.54 8.39 -2.74
N ARG A 122 7.26 8.55 -2.41
CA ARG A 122 6.47 9.69 -2.87
C ARG A 122 6.48 10.82 -1.85
N ARG A 123 6.92 10.56 -0.62
CA ARG A 123 6.94 11.57 0.42
C ARG A 123 7.95 11.20 1.50
N LEU A 124 8.08 12.10 2.48
CA LEU A 124 8.81 11.81 3.71
C LEU A 124 7.80 11.63 4.84
N GLY A 125 8.23 10.91 5.88
CA GLY A 125 7.47 10.77 7.10
C GLY A 125 8.31 11.20 8.30
N CYS A 126 7.65 11.61 9.38
CA CYS A 126 8.32 11.89 10.64
C CYS A 126 7.33 11.69 11.78
N LEU A 127 7.86 11.63 13.01
CA LEU A 127 7.03 11.39 14.18
C LEU A 127 6.12 12.59 14.43
N PRO A 128 4.98 12.39 15.13
CA PRO A 128 4.08 13.49 15.48
C PRO A 128 4.78 14.67 16.15
N PRO B 6 8.60 -30.38 10.59
CA PRO B 6 8.98 -29.22 9.71
C PRO B 6 7.76 -28.42 9.28
N VAL B 7 7.97 -27.11 9.09
CA VAL B 7 6.89 -26.20 8.74
C VAL B 7 7.08 -25.74 7.29
N THR B 8 5.98 -25.29 6.68
CA THR B 8 6.01 -24.62 5.39
C THR B 8 6.10 -23.11 5.64
N LEU B 9 7.13 -22.48 5.08
CA LEU B 9 7.25 -21.03 5.12
C LEU B 9 6.41 -20.42 3.98
N VAL B 10 5.59 -19.43 4.33
CA VAL B 10 4.79 -18.71 3.35
C VAL B 10 5.19 -17.22 3.42
N ASN B 11 5.68 -16.71 2.28
CA ASN B 11 6.15 -15.34 2.20
C ASN B 11 4.97 -14.41 1.91
N LEU B 12 4.69 -13.50 2.86
CA LEU B 12 3.64 -12.51 2.71
C LEU B 12 4.20 -11.19 2.20
N THR B 13 5.53 -11.08 2.09
CA THR B 13 6.18 -9.85 1.65
C THR B 13 6.22 -9.86 0.12
N PRO B 14 6.24 -8.68 -0.54
CA PRO B 14 6.17 -8.61 -2.00
C PRO B 14 7.46 -8.96 -2.73
N ALA B 15 8.60 -8.96 -2.01
CA ALA B 15 9.88 -9.26 -2.62
C ALA B 15 10.24 -10.72 -2.38
N GLU B 16 11.08 -11.27 -3.26
CA GLU B 16 11.65 -12.59 -3.05
C GLU B 16 12.49 -12.54 -1.78
N VAL B 17 12.31 -13.54 -0.92
CA VAL B 17 13.11 -13.67 0.30
C VAL B 17 14.11 -14.80 0.09
N ILE B 18 15.39 -14.50 0.32
N ILE B 18 15.39 -14.50 0.32
CA ILE B 18 16.45 -15.49 0.20
CA ILE B 18 16.45 -15.49 0.20
C ILE B 18 17.14 -15.64 1.56
C ILE B 18 17.14 -15.64 1.56
N LEU B 19 17.08 -16.86 2.11
CA LEU B 19 17.77 -17.18 3.34
C LEU B 19 19.08 -17.87 2.96
N HIS B 20 20.20 -17.23 3.33
CA HIS B 20 21.52 -17.79 3.09
C HIS B 20 21.88 -18.77 4.20
N LEU B 21 21.71 -20.06 3.91
CA LEU B 21 21.99 -21.14 4.84
C LEU B 21 23.29 -21.82 4.43
N ASP B 22 23.82 -22.66 5.32
CA ASP B 22 25.10 -23.31 5.12
C ASP B 22 25.14 -24.26 3.93
N GLY B 23 24.04 -24.96 3.59
CA GLY B 23 24.07 -25.91 2.49
C GLY B 23 23.73 -25.28 1.14
N GLY B 24 23.49 -23.96 1.14
CA GLY B 24 22.95 -23.26 -0.02
C GLY B 24 21.68 -22.48 0.34
N PRO B 25 21.23 -21.56 -0.54
CA PRO B 25 20.13 -20.66 -0.22
C PRO B 25 18.76 -21.33 -0.22
N LEU B 26 17.85 -20.76 0.57
CA LEU B 26 16.44 -21.12 0.54
C LEU B 26 15.67 -19.89 0.03
N ARG B 27 14.95 -20.08 -1.08
CA ARG B 27 14.31 -19.00 -1.80
C ARG B 27 12.79 -19.09 -1.65
N LEU B 28 12.18 -17.98 -1.25
CA LEU B 28 10.73 -17.88 -1.12
C LEU B 28 10.23 -16.83 -2.10
N PRO B 29 9.35 -17.17 -3.07
CA PRO B 29 8.83 -16.18 -4.00
C PRO B 29 8.05 -15.06 -3.32
N GLY B 30 8.09 -13.88 -3.92
CA GLY B 30 7.33 -12.74 -3.43
C GLY B 30 5.83 -12.99 -3.56
N ALA B 31 5.05 -12.33 -2.70
CA ALA B 31 3.60 -12.44 -2.73
C ALA B 31 3.07 -11.94 -4.07
N ASP B 32 1.96 -12.55 -4.53
CA ASP B 32 1.37 -12.24 -5.82
C ASP B 32 0.87 -10.80 -5.86
N VAL B 33 0.34 -10.32 -4.73
CA VAL B 33 -0.20 -8.97 -4.63
C VAL B 33 0.61 -8.20 -3.60
N VAL B 34 0.93 -6.94 -3.93
CA VAL B 34 1.66 -6.06 -3.03
C VAL B 34 0.76 -5.68 -1.87
N PRO B 35 1.09 -6.07 -0.62
CA PRO B 35 0.29 -5.70 0.54
C PRO B 35 0.65 -4.31 1.03
N ARG B 36 -0.23 -3.70 1.83
CA ARG B 36 0.02 -2.34 2.31
C ARG B 36 -0.37 -2.19 3.77
N LEU B 37 0.31 -1.25 4.43
CA LEU B 37 -0.10 -0.77 5.74
C LEU B 37 -1.21 0.26 5.54
N LEU B 38 -2.16 0.27 6.48
CA LEU B 38 -3.15 1.34 6.57
C LEU B 38 -2.65 2.37 7.57
N LEU B 39 -2.50 3.61 7.09
CA LEU B 39 -1.98 4.70 7.88
C LEU B 39 -2.96 5.87 7.81
N SER B 40 -3.05 6.63 8.90
CA SER B 40 -3.72 7.92 8.87
C SER B 40 -2.91 8.89 8.00
N GLU B 41 -3.53 10.01 7.62
CA GLU B 41 -2.85 10.99 6.78
C GLU B 41 -1.82 11.76 7.59
N GLY B 42 -2.01 11.86 8.90
CA GLY B 42 -1.22 12.74 9.74
C GLY B 42 -1.46 14.19 9.35
N ARG B 43 -0.52 15.07 9.70
CA ARG B 43 -0.57 16.45 9.25
C ARG B 43 0.28 16.57 7.98
N GLN B 44 -0.37 16.91 6.87
CA GLN B 44 0.28 17.00 5.57
C GLN B 44 0.91 18.37 5.42
N GLU B 45 2.23 18.39 5.21
CA GLU B 45 2.99 19.61 5.05
C GLU B 45 3.95 19.45 3.88
N THR B 46 4.70 20.52 3.60
CA THR B 46 5.77 20.48 2.62
C THR B 46 7.07 20.88 3.31
N LEU B 47 8.17 20.21 2.93
CA LEU B 47 9.49 20.54 3.41
C LEU B 47 10.31 21.07 2.24
N ALA B 48 10.76 22.33 2.35
CA ALA B 48 11.64 22.93 1.36
C ALA B 48 13.03 22.34 1.56
N VAL B 49 13.58 21.75 0.48
CA VAL B 49 14.89 21.12 0.54
C VAL B 49 15.72 21.64 -0.63
N TYR B 50 17.03 21.79 -0.41
CA TYR B 50 17.95 22.15 -1.48
C TYR B 50 18.03 21.00 -2.47
N ASP B 51 18.08 21.34 -3.76
CA ASP B 51 18.34 20.37 -4.81
C ASP B 51 19.77 19.89 -4.65
N PRO B 52 20.02 18.57 -4.43
CA PRO B 52 21.38 18.08 -4.26
C PRO B 52 22.30 18.36 -5.45
N GLU B 53 21.69 18.59 -6.63
CA GLU B 53 22.43 18.96 -7.83
C GLU B 53 22.93 20.40 -7.71
N ARG B 54 22.19 21.24 -6.98
CA ARG B 54 22.49 22.65 -6.85
C ARG B 54 22.49 23.05 -5.37
N PRO B 55 23.47 22.55 -4.58
CA PRO B 55 23.47 22.77 -3.13
C PRO B 55 23.53 24.22 -2.72
N GLY B 56 22.66 24.61 -1.77
CA GLY B 56 22.70 25.92 -1.15
C GLY B 56 21.93 26.98 -1.94
N GLU B 57 21.38 26.60 -3.10
CA GLU B 57 20.67 27.54 -3.95
C GLU B 57 19.17 27.46 -3.66
N ALA B 58 18.67 28.43 -2.88
CA ALA B 58 17.29 28.46 -2.46
C ALA B 58 16.36 28.67 -3.64
N ALA B 59 16.87 29.31 -4.70
CA ALA B 59 16.09 29.64 -5.88
C ALA B 59 15.52 28.39 -6.54
N VAL B 60 16.27 27.28 -6.48
CA VAL B 60 15.90 26.06 -7.18
C VAL B 60 15.68 24.93 -6.17
N ALA B 61 15.26 25.29 -4.95
CA ALA B 61 14.92 24.32 -3.92
C ALA B 61 13.66 23.56 -4.32
N ARG B 62 13.55 22.32 -3.82
CA ARG B 62 12.41 21.46 -4.14
C ARG B 62 11.46 21.45 -2.96
N GLU B 63 10.17 21.22 -3.26
CA GLU B 63 9.14 21.06 -2.24
C GLU B 63 8.87 19.56 -2.09
N VAL B 64 9.11 19.03 -0.88
CA VAL B 64 8.95 17.61 -0.62
C VAL B 64 7.74 17.42 0.29
N PRO B 65 6.70 16.65 -0.14
CA PRO B 65 5.60 16.32 0.75
C PRO B 65 6.09 15.55 1.98
N ILE B 66 5.56 15.93 3.15
CA ILE B 66 5.89 15.22 4.38
C ILE B 66 4.60 14.99 5.16
N ALA B 67 4.41 13.73 5.58
CA ALA B 67 3.33 13.36 6.48
C ALA B 67 3.85 13.38 7.91
N VAL B 68 3.33 14.31 8.71
CA VAL B 68 3.76 14.45 10.10
C VAL B 68 2.84 13.59 10.95
N GLY B 69 3.40 12.52 11.53
CA GLY B 69 2.70 11.70 12.50
C GLY B 69 1.58 10.85 11.89
N ALA B 70 1.81 10.31 10.70
CA ALA B 70 0.92 9.29 10.15
C ALA B 70 0.94 8.08 11.08
N THR B 71 -0.24 7.57 11.44
CA THR B 71 -0.37 6.58 12.50
C THR B 71 -0.87 5.26 11.94
N TRP B 72 -0.43 4.16 12.57
CA TRP B 72 -0.85 2.81 12.23
C TRP B 72 -2.35 2.65 12.45
N LEU B 73 -3.07 2.22 11.41
CA LEU B 73 -4.49 1.92 11.50
C LEU B 73 -4.74 0.43 11.34
N GLY B 74 -3.81 -0.28 10.69
CA GLY B 74 -3.98 -1.70 10.42
C GLY B 74 -3.24 -2.10 9.14
N ILE B 75 -3.69 -3.20 8.53
CA ILE B 75 -3.05 -3.74 7.34
C ILE B 75 -4.13 -4.18 6.35
N ASP B 76 -3.78 -4.08 5.06
CA ASP B 76 -4.61 -4.58 3.97
C ASP B 76 -3.76 -5.29 2.92
N PRO B 77 -3.87 -6.63 2.73
CA PRO B 77 -4.88 -7.45 3.40
C PRO B 77 -4.56 -7.78 4.86
N PRO B 78 -5.55 -8.29 5.63
CA PRO B 78 -5.27 -8.79 6.97
C PRO B 78 -4.42 -10.05 6.91
N LEU B 79 -3.82 -10.43 8.05
CA LEU B 79 -3.02 -11.64 8.09
C LEU B 79 -3.90 -12.84 7.73
N PRO B 80 -3.37 -13.83 6.98
CA PRO B 80 -4.06 -15.10 6.83
C PRO B 80 -4.27 -15.76 8.20
N GLU B 81 -5.34 -16.55 8.32
CA GLU B 81 -5.61 -17.27 9.56
C GLU B 81 -4.47 -18.25 9.81
N PRO B 82 -4.12 -18.54 11.09
CA PRO B 82 -3.16 -19.60 11.39
C PRO B 82 -3.56 -20.92 10.73
N ARG B 83 -2.58 -21.60 10.13
CA ARG B 83 -2.79 -22.89 9.49
C ARG B 83 -1.78 -23.88 10.08
N PRO B 84 -2.21 -25.10 10.47
CA PRO B 84 -1.28 -26.09 11.01
C PRO B 84 -0.10 -26.36 10.09
N GLY B 85 1.12 -26.21 10.62
CA GLY B 85 2.33 -26.51 9.90
C GLY B 85 2.79 -25.37 8.99
N THR B 86 2.19 -24.19 9.13
CA THR B 86 2.55 -23.03 8.33
C THR B 86 3.10 -21.93 9.24
N VAL B 87 4.23 -21.35 8.81
CA VAL B 87 4.78 -20.15 9.44
C VAL B 87 4.85 -19.06 8.37
N TYR B 88 4.38 -17.86 8.70
CA TYR B 88 4.30 -16.76 7.75
C TYR B 88 5.52 -15.87 7.90
N VAL B 89 6.16 -15.57 6.78
CA VAL B 89 7.26 -14.61 6.73
C VAL B 89 6.65 -13.25 6.38
N THR B 90 6.83 -12.29 7.29
CA THR B 90 6.34 -10.93 7.07
C THR B 90 7.44 -9.96 7.49
N SER B 91 7.06 -8.69 7.67
CA SER B 91 7.98 -7.69 8.18
C SER B 91 7.96 -7.69 9.71
N ARG B 92 9.03 -7.18 10.31
CA ARG B 92 9.09 -7.05 11.76
C ARG B 92 7.97 -6.12 12.25
N VAL B 93 7.74 -5.03 11.50
CA VAL B 93 6.77 -4.01 11.93
C VAL B 93 5.37 -4.64 11.99
N VAL B 94 5.05 -5.53 11.05
CA VAL B 94 3.76 -6.20 11.07
C VAL B 94 3.72 -7.17 12.25
N ALA B 95 4.77 -7.98 12.42
CA ALA B 95 4.82 -8.98 13.47
C ALA B 95 4.65 -8.34 14.85
N GLU B 96 5.27 -7.18 15.06
CA GLU B 96 5.23 -6.51 16.35
C GLU B 96 3.82 -6.01 16.67
N HIS B 97 3.00 -5.77 15.64
CA HIS B 97 1.64 -5.29 15.83
C HIS B 97 0.66 -6.45 16.07
N PHE B 98 1.15 -7.70 15.94
CA PHE B 98 0.34 -8.87 16.21
C PHE B 98 1.09 -9.80 17.16
N PRO B 99 1.38 -9.34 18.42
CA PRO B 99 2.22 -10.10 19.33
C PRO B 99 1.61 -11.42 19.81
N GLU B 100 0.29 -11.56 19.67
CA GLU B 100 -0.40 -12.78 20.04
C GLU B 100 -0.09 -13.90 19.05
N ARG B 101 0.25 -13.53 17.80
CA ARG B 101 0.56 -14.51 16.77
C ARG B 101 1.98 -15.05 16.97
N THR B 102 2.09 -16.36 17.14
CA THR B 102 3.37 -17.02 17.35
C THR B 102 3.80 -17.76 16.08
N ASP B 103 3.11 -17.49 14.97
CA ASP B 103 3.41 -18.13 13.69
C ASP B 103 3.96 -17.11 12.70
N LEU B 104 4.44 -15.96 13.19
CA LEU B 104 4.98 -14.90 12.35
C LEU B 104 6.49 -14.79 12.59
N VAL B 105 7.25 -14.69 11.50
CA VAL B 105 8.68 -14.45 11.54
C VAL B 105 9.02 -13.36 10.53
N TRP B 106 10.20 -12.76 10.69
CA TRP B 106 10.73 -11.85 9.69
C TRP B 106 12.14 -12.27 9.30
N PRO B 107 12.61 -11.94 8.07
CA PRO B 107 14.01 -12.14 7.72
C PRO B 107 14.91 -11.21 8.53
N ASP B 108 16.06 -11.71 8.97
CA ASP B 108 16.88 -10.98 9.92
C ASP B 108 18.36 -11.21 9.59
N ASP B 109 19.22 -10.34 10.15
CA ASP B 109 20.65 -10.34 9.88
C ASP B 109 20.86 -10.26 8.38
N LEU B 110 20.52 -9.09 7.81
CA LEU B 110 20.33 -8.95 6.37
C LEU B 110 21.66 -8.80 5.65
N ILE B 111 21.65 -9.22 4.38
CA ILE B 111 22.76 -9.10 3.45
C ILE B 111 22.40 -8.05 2.41
N ARG B 112 23.32 -7.13 2.15
CA ARG B 112 23.11 -6.07 1.19
C ARG B 112 24.14 -6.15 0.07
N ASP B 113 23.74 -5.71 -1.13
CA ASP B 113 24.57 -5.79 -2.32
C ASP B 113 25.43 -4.52 -2.41
N ALA B 114 26.12 -4.36 -3.56
CA ALA B 114 27.05 -3.27 -3.76
C ALA B 114 26.36 -1.91 -3.78
N ASP B 115 25.04 -1.90 -4.05
CA ASP B 115 24.26 -0.67 -4.08
C ASP B 115 23.56 -0.43 -2.74
N GLY B 116 23.79 -1.31 -1.76
CA GLY B 116 23.24 -1.16 -0.43
C GLY B 116 21.81 -1.67 -0.30
N GLN B 117 21.35 -2.42 -1.31
CA GLN B 117 20.00 -2.98 -1.31
C GLN B 117 20.00 -4.36 -0.64
N VAL B 118 18.93 -4.67 0.11
CA VAL B 118 18.79 -5.96 0.75
C VAL B 118 18.58 -7.03 -0.31
N VAL B 119 19.38 -8.11 -0.25
CA VAL B 119 19.30 -9.19 -1.23
C VAL B 119 19.12 -10.54 -0.54
N GLY B 120 19.24 -10.60 0.79
CA GLY B 120 19.18 -11.87 1.50
C GLY B 120 19.17 -11.67 3.02
N ALA B 121 19.02 -12.78 3.74
CA ALA B 121 19.03 -12.79 5.19
C ALA B 121 19.72 -14.06 5.68
N ARG B 122 20.42 -13.96 6.82
CA ARG B 122 21.17 -15.09 7.37
C ARG B 122 20.35 -15.87 8.40
N ARG B 123 19.23 -15.30 8.85
CA ARG B 123 18.40 -15.97 9.86
C ARG B 123 16.98 -15.42 9.82
N LEU B 124 16.11 -16.01 10.64
CA LEU B 124 14.79 -15.47 10.91
C LEU B 124 14.80 -14.84 12.30
N GLY B 125 13.86 -13.91 12.50
CA GLY B 125 13.58 -13.36 13.81
C GLY B 125 12.11 -13.53 14.17
N CYS B 126 11.81 -13.53 15.47
CA CYS B 126 10.43 -13.52 15.95
C CYS B 126 10.40 -12.88 17.33
N LEU B 127 9.19 -12.54 17.80
CA LEU B 127 9.03 -11.88 19.09
C LEU B 127 9.39 -12.87 20.20
N PRO B 128 9.73 -12.36 21.42
CA PRO B 128 9.93 -13.24 22.56
C PRO B 128 8.73 -14.15 22.81
N ARG B 129 9.01 -15.43 23.15
CA ARG B 129 7.99 -16.42 23.41
C ARG B 129 8.32 -17.16 24.71
N THR C 5 -38.58 -10.93 -5.96
CA THR C 5 -39.51 -11.24 -4.86
C THR C 5 -39.02 -10.56 -3.58
N PRO C 6 -39.81 -9.65 -2.96
CA PRO C 6 -39.41 -9.01 -1.71
C PRO C 6 -39.25 -10.01 -0.55
N VAL C 7 -38.39 -9.66 0.41
CA VAL C 7 -38.18 -10.48 1.60
C VAL C 7 -38.79 -9.76 2.80
N THR C 8 -39.10 -10.55 3.84
CA THR C 8 -39.54 -10.01 5.12
C THR C 8 -38.31 -9.87 6.02
N LEU C 9 -38.08 -8.65 6.52
CA LEU C 9 -37.02 -8.41 7.50
C LEU C 9 -37.57 -8.73 8.89
N VAL C 10 -36.80 -9.52 9.65
CA VAL C 10 -37.13 -9.84 11.03
C VAL C 10 -35.99 -9.34 11.92
N ASN C 11 -36.32 -8.43 12.85
CA ASN C 11 -35.35 -7.82 13.74
C ASN C 11 -35.15 -8.72 14.95
N LEU C 12 -33.92 -9.24 15.11
CA LEU C 12 -33.56 -10.08 16.23
C LEU C 12 -32.88 -9.24 17.33
N THR C 13 -32.62 -7.96 17.06
CA THR C 13 -31.96 -7.09 18.02
C THR C 13 -33.02 -6.50 18.95
N PRO C 14 -32.65 -6.14 20.21
CA PRO C 14 -33.63 -5.67 21.19
C PRO C 14 -34.12 -4.23 20.99
N ALA C 15 -33.40 -3.44 20.19
CA ALA C 15 -33.77 -2.06 19.96
C ALA C 15 -34.54 -1.94 18.65
N GLU C 16 -35.37 -0.90 18.57
CA GLU C 16 -36.02 -0.55 17.31
C GLU C 16 -34.94 -0.21 16.30
N VAL C 17 -35.06 -0.77 15.09
CA VAL C 17 -34.14 -0.48 14.00
C VAL C 17 -34.87 0.43 13.01
N ILE C 18 -34.23 1.56 12.68
CA ILE C 18 -34.76 2.47 11.66
C ILE C 18 -33.77 2.55 10.52
N LEU C 19 -34.24 2.17 9.32
CA LEU C 19 -33.47 2.34 8.10
C LEU C 19 -33.95 3.63 7.43
N HIS C 20 -33.05 4.61 7.33
CA HIS C 20 -33.36 5.91 6.79
C HIS C 20 -33.15 5.86 5.28
N LEU C 21 -34.23 5.66 4.54
CA LEU C 21 -34.20 5.44 3.10
C LEU C 21 -34.69 6.69 2.38
N ASP C 22 -34.42 6.73 1.07
CA ASP C 22 -35.02 7.72 0.19
C ASP C 22 -36.52 7.44 0.16
N GLY C 23 -37.31 8.48 0.40
CA GLY C 23 -38.76 8.35 0.39
C GLY C 23 -39.34 8.02 1.77
N GLY C 24 -38.46 7.84 2.76
CA GLY C 24 -38.90 7.81 4.14
C GLY C 24 -38.35 6.60 4.90
N PRO C 25 -38.45 6.60 6.25
CA PRO C 25 -37.86 5.54 7.07
C PRO C 25 -38.61 4.22 7.01
N LEU C 26 -37.86 3.14 7.23
CA LEU C 26 -38.41 1.81 7.44
C LEU C 26 -38.08 1.39 8.87
N ARG C 27 -39.13 1.09 9.65
CA ARG C 27 -39.03 0.86 11.08
C ARG C 27 -39.27 -0.61 11.38
N LEU C 28 -38.34 -1.22 12.13
CA LEU C 28 -38.45 -2.61 12.57
C LEU C 28 -38.53 -2.63 14.09
N PRO C 29 -39.62 -3.15 14.70
CA PRO C 29 -39.71 -3.20 16.16
C PRO C 29 -38.62 -4.05 16.79
N GLY C 30 -38.22 -3.68 18.01
CA GLY C 30 -37.25 -4.45 18.76
C GLY C 30 -37.81 -5.82 19.13
N ALA C 31 -36.91 -6.80 19.31
CA ALA C 31 -37.29 -8.13 19.73
C ALA C 31 -37.97 -8.08 21.10
N ASP C 32 -38.92 -8.99 21.32
CA ASP C 32 -39.72 -9.01 22.54
C ASP C 32 -38.85 -9.34 23.74
N VAL C 33 -37.86 -10.21 23.54
CA VAL C 33 -36.95 -10.62 24.61
C VAL C 33 -35.54 -10.18 24.25
N VAL C 34 -34.82 -9.65 25.25
CA VAL C 34 -33.45 -9.19 25.08
C VAL C 34 -32.56 -10.42 24.91
N PRO C 35 -31.91 -10.59 23.73
CA PRO C 35 -30.99 -11.70 23.52
C PRO C 35 -29.62 -11.43 24.11
N ARG C 36 -28.82 -12.48 24.32
CA ARG C 36 -27.52 -12.29 24.93
C ARG C 36 -26.47 -13.17 24.25
N LEU C 37 -25.23 -12.67 24.29
CA LEU C 37 -24.06 -13.46 23.94
C LEU C 37 -23.67 -14.31 25.15
N LEU C 38 -23.19 -15.53 24.86
CA LEU C 38 -22.62 -16.38 25.88
C LEU C 38 -21.10 -16.21 25.83
N LEU C 39 -20.53 -15.80 26.97
CA LEU C 39 -19.10 -15.55 27.07
C LEU C 39 -18.53 -16.36 28.23
N SER C 40 -17.27 -16.77 28.10
CA SER C 40 -16.51 -17.31 29.21
C SER C 40 -16.26 -16.20 30.22
N GLU C 41 -15.85 -16.59 31.43
CA GLU C 41 -15.61 -15.64 32.51
C GLU C 41 -14.34 -14.84 32.25
N GLY C 42 -13.39 -15.42 31.50
CA GLY C 42 -12.06 -14.86 31.37
C GLY C 42 -11.37 -14.84 32.73
N ARG C 43 -10.35 -13.98 32.87
CA ARG C 43 -9.74 -13.75 34.17
C ARG C 43 -10.41 -12.52 34.81
N GLN C 44 -11.09 -12.75 35.94
CA GLN C 44 -11.83 -11.70 36.61
C GLN C 44 -10.90 -10.93 37.53
N GLU C 45 -10.80 -9.62 37.30
CA GLU C 45 -9.94 -8.75 38.09
C GLU C 45 -10.71 -7.48 38.42
N THR C 46 -10.05 -6.58 39.16
CA THR C 46 -10.56 -5.24 39.42
C THR C 46 -9.54 -4.23 38.92
N LEU C 47 -10.05 -3.14 38.33
CA LEU C 47 -9.20 -2.05 37.87
C LEU C 47 -9.50 -0.81 38.71
N ALA C 48 -8.48 -0.33 39.42
CA ALA C 48 -8.59 0.91 40.17
C ALA C 48 -8.56 2.08 39.20
N VAL C 49 -9.59 2.92 39.27
CA VAL C 49 -9.75 4.02 38.32
C VAL C 49 -9.99 5.28 39.14
N TYR C 50 -9.35 6.38 38.72
CA TYR C 50 -9.56 7.66 39.36
C TYR C 50 -10.98 8.13 39.03
N ASP C 51 -11.62 8.75 40.03
CA ASP C 51 -12.89 9.42 39.80
C ASP C 51 -12.63 10.63 38.91
N PRO C 52 -13.26 10.73 37.71
CA PRO C 52 -13.02 11.86 36.83
C PRO C 52 -13.37 13.22 37.44
N GLU C 53 -14.23 13.20 38.48
CA GLU C 53 -14.56 14.40 39.22
C GLU C 53 -13.39 14.84 40.10
N ARG C 54 -12.57 13.86 40.53
CA ARG C 54 -11.46 14.12 41.44
C ARG C 54 -10.20 13.47 40.88
N PRO C 55 -9.65 13.98 39.75
CA PRO C 55 -8.52 13.36 39.08
C PRO C 55 -7.27 13.26 39.95
N GLY C 56 -6.65 12.08 39.95
CA GLY C 56 -5.35 11.87 40.59
C GLY C 56 -5.45 11.57 42.07
N GLU C 57 -6.68 11.58 42.63
CA GLU C 57 -6.89 11.35 44.05
C GLU C 57 -7.21 9.88 44.29
N ALA C 58 -6.20 9.13 44.74
CA ALA C 58 -6.32 7.70 44.96
C ALA C 58 -7.31 7.40 46.09
N ALA C 59 -7.48 8.36 47.00
CA ALA C 59 -8.35 8.19 48.16
C ALA C 59 -9.79 7.90 47.73
N VAL C 60 -10.23 8.49 46.62
CA VAL C 60 -11.61 8.39 46.16
C VAL C 60 -11.67 7.69 44.81
N ALA C 61 -10.69 6.83 44.54
CA ALA C 61 -10.67 6.03 43.31
C ALA C 61 -11.77 4.98 43.41
N ARG C 62 -12.27 4.56 42.24
CA ARG C 62 -13.32 3.55 42.16
C ARG C 62 -12.70 2.21 41.76
N GLU C 63 -13.35 1.11 42.17
CA GLU C 63 -12.97 -0.22 41.75
C GLU C 63 -13.91 -0.67 40.64
N VAL C 64 -13.34 -0.95 39.45
CA VAL C 64 -14.13 -1.35 38.30
C VAL C 64 -13.87 -2.83 38.01
N PRO C 65 -14.89 -3.71 38.03
CA PRO C 65 -14.71 -5.08 37.59
C PRO C 65 -14.27 -5.15 36.12
N ILE C 66 -13.29 -6.01 35.82
CA ILE C 66 -12.84 -6.20 34.45
C ILE C 66 -12.71 -7.70 34.18
N ALA C 67 -13.32 -8.13 33.08
CA ALA C 67 -13.15 -9.49 32.57
C ALA C 67 -12.05 -9.47 31.52
N VAL C 68 -10.91 -10.11 31.83
CA VAL C 68 -9.77 -10.15 30.94
C VAL C 68 -9.91 -11.38 30.04
N GLY C 69 -10.14 -11.14 28.74
CA GLY C 69 -10.16 -12.18 27.74
C GLY C 69 -11.36 -13.10 27.84
N ALA C 70 -12.54 -12.54 28.14
CA ALA C 70 -13.79 -13.29 28.03
C ALA C 70 -13.98 -13.67 26.56
N THR C 71 -14.30 -14.94 26.30
CA THR C 71 -14.29 -15.50 24.96
C THR C 71 -15.70 -15.91 24.54
N TRP C 72 -15.97 -15.83 23.24
CA TRP C 72 -17.23 -16.23 22.63
C TRP C 72 -17.49 -17.72 22.85
N LEU C 73 -18.66 -18.04 23.45
CA LEU C 73 -19.10 -19.42 23.61
C LEU C 73 -20.30 -19.70 22.72
N GLY C 74 -21.06 -18.67 22.36
CA GLY C 74 -22.28 -18.86 21.58
C GLY C 74 -23.28 -17.75 21.87
N ILE C 75 -24.55 -18.05 21.60
CA ILE C 75 -25.64 -17.07 21.75
C ILE C 75 -26.85 -17.75 22.39
N ASP C 76 -27.61 -16.96 23.13
CA ASP C 76 -28.87 -17.39 23.72
C ASP C 76 -29.91 -16.27 23.61
N PRO C 77 -30.98 -16.43 22.79
CA PRO C 77 -31.30 -17.68 22.11
C PRO C 77 -30.46 -17.94 20.86
N PRO C 78 -30.47 -19.18 20.32
CA PRO C 78 -29.84 -19.46 19.04
C PRO C 78 -30.59 -18.76 17.91
N LEU C 79 -29.94 -18.66 16.74
CA LEU C 79 -30.58 -18.06 15.57
C LEU C 79 -31.83 -18.87 15.23
N PRO C 80 -32.93 -18.22 14.80
CA PRO C 80 -34.03 -18.96 14.18
C PRO C 80 -33.56 -19.70 12.93
N GLU C 81 -34.22 -20.82 12.62
CA GLU C 81 -33.90 -21.57 11.43
C GLU C 81 -34.16 -20.72 10.20
N PRO C 82 -33.38 -20.87 9.11
CA PRO C 82 -33.70 -20.19 7.85
C PRO C 82 -35.13 -20.45 7.41
N ARG C 83 -35.80 -19.39 6.97
CA ARG C 83 -37.17 -19.48 6.46
C ARG C 83 -37.20 -18.83 5.07
N PRO C 84 -37.79 -19.49 4.05
CA PRO C 84 -37.86 -18.89 2.71
C PRO C 84 -38.51 -17.50 2.73
N GLY C 85 -37.80 -16.52 2.16
CA GLY C 85 -38.32 -15.17 2.02
C GLY C 85 -38.13 -14.32 3.29
N THR C 86 -37.35 -14.83 4.25
CA THR C 86 -37.06 -14.10 5.48
C THR C 86 -35.56 -13.80 5.54
N VAL C 87 -35.23 -12.55 5.91
CA VAL C 87 -33.87 -12.15 6.21
C VAL C 87 -33.87 -11.60 7.63
N TYR C 88 -32.90 -12.06 8.44
CA TYR C 88 -32.82 -11.69 9.85
C TYR C 88 -31.85 -10.52 10.02
N VAL C 89 -32.31 -9.50 10.73
CA VAL C 89 -31.46 -8.38 11.10
C VAL C 89 -30.89 -8.67 12.49
N THR C 90 -29.56 -8.74 12.57
CA THR C 90 -28.88 -8.99 13.83
C THR C 90 -27.69 -8.04 13.93
N SER C 91 -26.77 -8.32 14.84
CA SER C 91 -25.54 -7.56 14.97
C SER C 91 -24.49 -8.12 14.03
N ARG C 92 -23.49 -7.30 13.68
CA ARG C 92 -22.39 -7.76 12.85
CA ARG C 92 -22.39 -7.76 12.85
C ARG C 92 -21.62 -8.87 13.56
N VAL C 93 -21.45 -8.73 14.88
CA VAL C 93 -20.65 -9.68 15.64
C VAL C 93 -21.30 -11.05 15.59
N VAL C 94 -22.64 -11.11 15.64
CA VAL C 94 -23.35 -12.38 15.53
C VAL C 94 -23.19 -12.92 14.12
N ALA C 95 -23.43 -12.08 13.12
CA ALA C 95 -23.38 -12.51 11.72
C ALA C 95 -22.01 -13.10 11.38
N GLU C 96 -20.94 -12.49 11.89
CA GLU C 96 -19.58 -12.92 11.57
CA GLU C 96 -19.58 -12.91 11.57
C GLU C 96 -19.29 -14.30 12.17
N HIS C 97 -20.01 -14.66 13.22
CA HIS C 97 -19.82 -15.95 13.89
C HIS C 97 -20.65 -17.05 13.23
N PHE C 98 -21.49 -16.68 12.26
CA PHE C 98 -22.27 -17.65 11.50
C PHE C 98 -22.09 -17.38 10.00
N PRO C 99 -20.86 -17.52 9.47
CA PRO C 99 -20.56 -17.16 8.09
C PRO C 99 -21.26 -18.03 7.05
N GLU C 100 -21.73 -19.22 7.47
CA GLU C 100 -22.45 -20.13 6.59
C GLU C 100 -23.84 -19.57 6.29
N ARG C 101 -24.39 -18.76 7.20
CA ARG C 101 -25.72 -18.20 7.05
C ARG C 101 -25.67 -17.01 6.08
N THR C 102 -26.44 -17.10 5.00
CA THR C 102 -26.49 -16.06 3.98
C THR C 102 -27.78 -15.26 4.12
N ASP C 103 -28.51 -15.46 5.22
CA ASP C 103 -29.78 -14.78 5.45
C ASP C 103 -29.67 -13.81 6.63
N LEU C 104 -28.42 -13.43 7.00
CA LEU C 104 -28.19 -12.53 8.11
C LEU C 104 -27.64 -11.20 7.58
N VAL C 105 -28.18 -10.11 8.10
CA VAL C 105 -27.71 -8.77 7.79
C VAL C 105 -27.59 -8.00 9.10
N TRP C 106 -26.85 -6.89 9.07
CA TRP C 106 -26.81 -5.95 10.17
C TRP C 106 -27.09 -4.54 9.66
N PRO C 107 -27.62 -3.64 10.51
CA PRO C 107 -27.73 -2.23 10.14
C PRO C 107 -26.35 -1.60 10.03
N ASP C 108 -26.15 -0.73 9.03
CA ASP C 108 -24.82 -0.25 8.71
C ASP C 108 -24.91 1.21 8.27
N ASP C 109 -23.75 1.88 8.28
CA ASP C 109 -23.63 3.31 7.99
C ASP C 109 -24.58 4.06 8.93
N LEU C 110 -24.23 4.05 10.22
CA LEU C 110 -25.16 4.42 11.27
C LEU C 110 -25.26 5.93 11.40
N ILE C 111 -26.42 6.37 11.90
CA ILE C 111 -26.72 7.76 12.22
C ILE C 111 -26.78 7.87 13.74
N ARG C 112 -26.07 8.87 14.29
N ARG C 112 -26.07 8.87 14.29
CA ARG C 112 -26.07 9.10 15.73
CA ARG C 112 -26.07 9.10 15.73
C ARG C 112 -26.62 10.51 16.02
C ARG C 112 -26.62 10.51 16.02
N ASP C 113 -27.28 10.63 17.18
CA ASP C 113 -27.90 11.88 17.59
C ASP C 113 -26.88 12.75 18.33
N ALA C 114 -27.37 13.86 18.91
CA ALA C 114 -26.51 14.84 19.56
C ALA C 114 -25.86 14.26 20.82
N ASP C 115 -26.43 13.19 21.38
CA ASP C 115 -25.88 12.54 22.56
C ASP C 115 -24.98 11.36 22.18
N GLY C 116 -24.79 11.14 20.87
CA GLY C 116 -23.88 10.12 20.38
C GLY C 116 -24.54 8.74 20.29
N GLN C 117 -25.87 8.69 20.45
CA GLN C 117 -26.60 7.42 20.46
C GLN C 117 -27.05 7.09 19.04
N VAL C 118 -27.00 5.79 18.69
CA VAL C 118 -27.44 5.33 17.39
C VAL C 118 -28.96 5.50 17.31
N VAL C 119 -29.43 6.13 16.23
CA VAL C 119 -30.85 6.39 16.04
C VAL C 119 -31.34 5.85 14.70
N GLY C 120 -30.43 5.45 13.81
CA GLY C 120 -30.82 4.94 12.51
C GLY C 120 -29.62 4.40 11.73
N ALA C 121 -29.91 3.83 10.56
CA ALA C 121 -28.90 3.29 9.65
C ALA C 121 -29.31 3.63 8.21
N ARG C 122 -28.30 3.87 7.36
CA ARG C 122 -28.54 4.27 5.98
C ARG C 122 -28.53 3.06 5.04
N ARG C 123 -28.06 1.91 5.52
CA ARG C 123 -28.00 0.72 4.69
C ARG C 123 -27.95 -0.53 5.55
N LEU C 124 -27.95 -1.69 4.89
CA LEU C 124 -27.66 -2.97 5.53
C LEU C 124 -26.26 -3.42 5.12
N GLY C 125 -25.66 -4.26 5.95
CA GLY C 125 -24.41 -4.93 5.63
C GLY C 125 -24.56 -6.45 5.75
N CYS C 126 -23.71 -7.19 5.05
CA CYS C 126 -23.64 -8.63 5.19
C CYS C 126 -22.24 -9.09 4.80
N LEU C 127 -21.93 -10.35 5.15
CA LEU C 127 -20.61 -10.91 4.88
C LEU C 127 -20.43 -11.09 3.37
N PRO C 128 -19.17 -11.18 2.88
CA PRO C 128 -18.92 -11.54 1.49
C PRO C 128 -19.63 -12.82 1.07
N ARG C 129 -20.16 -12.83 -0.16
CA ARG C 129 -20.87 -13.99 -0.70
C ARG C 129 -20.02 -15.26 -0.53
N THR D 5 36.00 10.30 -40.44
CA THR D 5 36.46 10.78 -39.11
C THR D 5 35.51 10.24 -38.05
N PRO D 6 36.00 9.44 -37.07
CA PRO D 6 35.14 8.94 -36.00
C PRO D 6 34.59 10.06 -35.10
N VAL D 7 33.40 9.82 -34.54
CA VAL D 7 32.76 10.75 -33.63
C VAL D 7 32.75 10.12 -32.24
N THR D 8 32.57 10.96 -31.22
CA THR D 8 32.33 10.52 -29.85
C THR D 8 30.82 10.48 -29.63
N LEU D 9 30.31 9.31 -29.23
CA LEU D 9 28.91 9.18 -28.85
C LEU D 9 28.73 9.60 -27.39
N VAL D 10 27.74 10.47 -27.14
CA VAL D 10 27.39 10.89 -25.79
C VAL D 10 25.94 10.51 -25.51
N ASN D 11 25.73 9.70 -24.47
CA ASN D 11 24.41 9.23 -24.10
C ASN D 11 23.70 10.25 -23.22
N LEU D 12 22.60 10.80 -23.73
CA LEU D 12 21.78 11.75 -22.99
C LEU D 12 20.59 11.06 -22.32
N THR D 13 20.42 9.75 -22.57
CA THR D 13 19.31 9.01 -21.97
C THR D 13 19.75 8.53 -20.59
N PRO D 14 18.81 8.32 -19.64
CA PRO D 14 19.15 7.97 -18.27
C PRO D 14 19.58 6.52 -18.06
N ALA D 15 19.28 5.65 -19.03
CA ALA D 15 19.65 4.25 -18.92
C ALA D 15 20.94 3.96 -19.68
N GLU D 16 21.63 2.91 -19.28
CA GLU D 16 22.78 2.41 -20.02
C GLU D 16 22.32 1.99 -21.41
N VAL D 17 23.04 2.42 -22.45
CA VAL D 17 22.75 2.03 -23.81
C VAL D 17 23.81 1.02 -24.25
N ILE D 18 23.37 -0.12 -24.78
CA ILE D 18 24.27 -1.10 -25.38
C ILE D 18 23.94 -1.24 -26.86
N LEU D 19 24.94 -0.97 -27.70
CA LEU D 19 24.84 -1.26 -29.13
C LEU D 19 25.52 -2.61 -29.38
N HIS D 20 24.73 -3.58 -29.83
CA HIS D 20 25.21 -4.94 -30.06
C HIS D 20 25.73 -5.02 -31.49
N LEU D 21 27.05 -4.88 -31.63
CA LEU D 21 27.70 -4.81 -32.94
C LEU D 21 28.42 -6.12 -33.22
N ASP D 22 28.77 -6.31 -34.51
CA ASP D 22 29.67 -7.38 -34.90
C ASP D 22 31.03 -7.09 -34.27
N GLY D 23 31.59 -8.08 -33.59
CA GLY D 23 32.88 -7.93 -32.94
C GLY D 23 32.76 -7.43 -31.50
N GLY D 24 31.53 -7.20 -31.03
CA GLY D 24 31.28 -7.04 -29.61
C GLY D 24 30.46 -5.79 -29.30
N PRO D 25 29.91 -5.68 -28.06
CA PRO D 25 29.05 -4.56 -27.71
C PRO D 25 29.79 -3.24 -27.50
N LEU D 26 29.07 -2.15 -27.73
CA LEU D 26 29.52 -0.82 -27.39
C LEU D 26 28.57 -0.28 -26.31
N ARG D 27 29.13 0.04 -25.14
CA ARG D 27 28.35 0.36 -23.96
C ARG D 27 28.51 1.84 -23.63
N LEU D 28 27.38 2.54 -23.47
CA LEU D 28 27.36 3.94 -23.10
C LEU D 28 26.69 4.09 -21.75
N PRO D 29 27.37 4.65 -20.72
CA PRO D 29 26.74 4.86 -19.42
C PRO D 29 25.53 5.79 -19.49
N GLY D 30 24.57 5.57 -18.60
CA GLY D 30 23.40 6.44 -18.49
C GLY D 30 23.81 7.84 -18.05
N ALA D 31 23.00 8.84 -18.42
CA ALA D 31 23.20 10.22 -17.99
C ALA D 31 23.12 10.30 -16.47
N ASP D 32 23.88 11.24 -15.90
CA ASP D 32 23.97 11.43 -14.46
C ASP D 32 22.61 11.87 -13.89
N VAL D 33 21.88 12.69 -14.66
CA VAL D 33 20.62 13.24 -14.18
C VAL D 33 19.50 12.78 -15.10
N VAL D 34 18.36 12.40 -14.49
CA VAL D 34 17.18 11.99 -15.22
C VAL D 34 16.58 13.22 -15.89
N PRO D 35 16.54 13.27 -17.25
CA PRO D 35 15.90 14.39 -17.95
C PRO D 35 14.39 14.22 -18.04
N ARG D 36 13.66 15.30 -18.32
CA ARG D 36 12.21 15.18 -18.43
C ARG D 36 11.67 16.00 -19.59
N LEU D 37 10.54 15.53 -20.14
CA LEU D 37 9.74 16.27 -21.09
C LEU D 37 8.86 17.25 -20.32
N LEU D 38 8.65 18.43 -20.91
CA LEU D 38 7.67 19.39 -20.40
C LEU D 38 6.38 19.21 -21.17
N LEU D 39 5.29 18.90 -20.46
CA LEU D 39 4.01 18.63 -21.06
C LEU D 39 2.94 19.54 -20.44
N SER D 40 1.94 19.90 -21.24
CA SER D 40 0.73 20.54 -20.72
C SER D 40 -0.03 19.52 -19.88
N GLU D 41 -0.97 20.03 -19.07
CA GLU D 41 -1.76 19.20 -18.18
C GLU D 41 -2.77 18.36 -18.97
N GLY D 42 -3.18 18.86 -20.15
CA GLY D 42 -4.30 18.27 -20.87
C GLY D 42 -5.58 18.39 -20.05
N ARG D 43 -6.57 17.56 -20.38
CA ARG D 43 -7.79 17.47 -19.58
C ARG D 43 -7.63 16.31 -18.60
N GLN D 44 -7.64 16.63 -17.31
CA GLN D 44 -7.43 15.65 -16.25
C GLN D 44 -8.75 14.97 -15.91
N GLU D 45 -8.77 13.63 -16.07
CA GLU D 45 -9.94 12.82 -15.77
C GLU D 45 -9.51 11.60 -14.97
N THR D 46 -10.49 10.75 -14.60
CA THR D 46 -10.22 9.50 -13.92
C THR D 46 -10.87 8.37 -14.73
N LEU D 47 -10.16 7.24 -14.82
CA LEU D 47 -10.66 6.05 -15.50
C LEU D 47 -10.85 4.96 -14.46
N ALA D 48 -12.11 4.51 -14.30
CA ALA D 48 -12.40 3.36 -13.44
C ALA D 48 -11.96 2.09 -14.14
N VAL D 49 -11.09 1.31 -13.49
CA VAL D 49 -10.55 0.10 -14.08
C VAL D 49 -10.70 -1.04 -13.08
N TYR D 50 -10.98 -2.24 -13.60
CA TYR D 50 -11.00 -3.44 -12.77
C TYR D 50 -9.58 -3.73 -12.32
N ASP D 51 -9.45 -4.19 -11.08
CA ASP D 51 -8.19 -4.71 -10.56
C ASP D 51 -7.88 -6.01 -11.30
N PRO D 52 -6.73 -6.10 -12.03
CA PRO D 52 -6.40 -7.31 -12.76
C PRO D 52 -6.29 -8.56 -11.89
N GLU D 53 -6.07 -8.35 -10.58
CA GLU D 53 -6.04 -9.44 -9.62
C GLU D 53 -7.44 -9.99 -9.37
N ARG D 54 -8.45 -9.10 -9.51
CA ARG D 54 -9.83 -9.44 -9.23
C ARG D 54 -10.71 -9.02 -10.41
N PRO D 55 -10.58 -9.68 -11.58
CA PRO D 55 -11.27 -9.25 -12.80
C PRO D 55 -12.79 -9.27 -12.67
N GLY D 56 -13.43 -8.17 -13.11
CA GLY D 56 -14.87 -8.10 -13.22
C GLY D 56 -15.56 -7.68 -11.91
N GLU D 57 -14.77 -7.49 -10.85
CA GLU D 57 -15.30 -7.13 -9.54
C GLU D 57 -15.27 -5.62 -9.37
N ALA D 58 -16.42 -4.98 -9.56
CA ALA D 58 -16.54 -3.53 -9.49
C ALA D 58 -16.26 -3.02 -8.08
N ALA D 59 -16.48 -3.89 -7.08
CA ALA D 59 -16.31 -3.54 -5.68
C ALA D 59 -14.88 -3.08 -5.39
N VAL D 60 -13.91 -3.68 -6.07
CA VAL D 60 -12.49 -3.42 -5.80
C VAL D 60 -11.83 -2.83 -7.04
N ALA D 61 -12.62 -2.11 -7.86
CA ALA D 61 -12.07 -1.41 -9.03
C ALA D 61 -11.24 -0.22 -8.57
N ARG D 62 -10.25 0.15 -9.37
CA ARG D 62 -9.34 1.24 -9.05
C ARG D 62 -9.71 2.48 -9.86
N GLU D 63 -9.35 3.65 -9.33
CA GLU D 63 -9.44 4.90 -10.05
C GLU D 63 -8.05 5.27 -10.58
N VAL D 64 -7.93 5.38 -11.91
CA VAL D 64 -6.66 5.68 -12.55
C VAL D 64 -6.71 7.09 -13.12
N PRO D 65 -5.81 8.01 -12.68
CA PRO D 65 -5.70 9.31 -13.33
C PRO D 65 -5.34 9.18 -14.81
N ILE D 66 -6.00 9.96 -15.66
CA ILE D 66 -5.66 9.99 -17.08
C ILE D 66 -5.58 11.45 -17.54
N ALA D 67 -4.47 11.78 -18.21
CA ALA D 67 -4.31 13.06 -18.85
C ALA D 67 -4.72 12.94 -20.31
N VAL D 68 -5.81 13.60 -20.69
CA VAL D 68 -6.32 13.57 -22.05
C VAL D 68 -5.67 14.70 -22.83
N GLY D 69 -4.82 14.34 -23.80
CA GLY D 69 -4.26 15.28 -24.75
C GLY D 69 -3.21 16.21 -24.12
N ALA D 70 -2.38 15.68 -23.22
CA ALA D 70 -1.20 16.40 -22.76
C ALA D 70 -0.28 16.63 -23.95
N THR D 71 0.20 17.88 -24.11
N THR D 71 0.20 17.88 -24.11
CA THR D 71 0.90 18.28 -25.32
CA THR D 71 0.90 18.27 -25.32
C THR D 71 2.34 18.65 -24.98
C THR D 71 2.34 18.65 -24.98
N TRP D 72 3.23 18.43 -25.96
CA TRP D 72 4.64 18.77 -25.86
C TRP D 72 4.82 20.28 -25.72
N LEU D 73 5.52 20.70 -24.66
CA LEU D 73 5.88 22.09 -24.45
C LEU D 73 7.37 22.32 -24.64
N GLY D 74 8.18 21.26 -24.43
CA GLY D 74 9.63 21.39 -24.51
C GLY D 74 10.31 20.35 -23.65
N ILE D 75 11.57 20.62 -23.26
CA ILE D 75 12.38 19.66 -22.51
C ILE D 75 13.16 20.39 -21.42
N ASP D 76 13.40 19.66 -20.32
CA ASP D 76 14.25 20.13 -19.24
C ASP D 76 15.14 19.00 -18.72
N PRO D 77 16.48 19.05 -18.91
CA PRO D 77 17.17 20.19 -19.47
C PRO D 77 17.07 20.32 -20.98
N PRO D 78 17.45 21.47 -21.57
CA PRO D 78 17.59 21.59 -23.01
C PRO D 78 18.73 20.72 -23.53
N LEU D 79 18.76 20.49 -24.85
CA LEU D 79 19.84 19.74 -25.47
C LEU D 79 21.16 20.47 -25.22
N PRO D 80 22.27 19.74 -24.99
CA PRO D 80 23.60 20.34 -25.08
C PRO D 80 23.84 20.98 -26.45
N GLU D 81 24.65 22.04 -26.48
CA GLU D 81 24.98 22.70 -27.73
C GLU D 81 25.76 21.72 -28.61
N PRO D 82 25.62 21.79 -29.95
CA PRO D 82 26.45 21.01 -30.85
C PRO D 82 27.93 21.20 -30.56
N ARG D 83 28.68 20.08 -30.55
CA ARG D 83 30.11 20.11 -30.35
C ARG D 83 30.77 19.36 -31.51
N PRO D 84 31.82 19.93 -32.15
CA PRO D 84 32.50 19.23 -33.23
C PRO D 84 32.98 17.84 -32.83
N GLY D 85 32.59 16.83 -33.61
CA GLY D 85 33.05 15.47 -33.41
C GLY D 85 32.22 14.71 -32.36
N THR D 86 31.09 15.31 -31.93
CA THR D 86 30.21 14.68 -30.96
C THR D 86 28.85 14.40 -31.62
N VAL D 87 28.33 13.19 -31.39
CA VAL D 87 26.97 12.84 -31.74
C VAL D 87 26.25 12.41 -30.46
N TYR D 88 25.05 12.97 -30.24
CA TYR D 88 24.30 12.71 -29.03
C TYR D 88 23.30 11.60 -29.26
N VAL D 89 23.30 10.62 -28.35
CA VAL D 89 22.30 9.56 -28.35
C VAL D 89 21.18 10.00 -27.42
N THR D 90 19.97 10.13 -27.97
CA THR D 90 18.80 10.53 -27.21
C THR D 90 17.64 9.62 -27.61
N SER D 91 16.42 10.03 -27.24
CA SER D 91 15.23 9.30 -27.64
C SER D 91 14.79 9.78 -29.03
N ARG D 92 14.03 8.92 -29.73
CA ARG D 92 13.47 9.30 -31.01
C ARG D 92 12.54 10.50 -30.85
N VAL D 93 11.75 10.50 -29.77
CA VAL D 93 10.73 11.54 -29.58
C VAL D 93 11.42 12.90 -29.43
N VAL D 94 12.58 12.94 -28.74
CA VAL D 94 13.31 14.19 -28.60
C VAL D 94 13.88 14.59 -29.96
N ALA D 95 14.53 13.63 -30.66
CA ALA D 95 15.18 13.92 -31.93
C ALA D 95 14.18 14.49 -32.93
N GLU D 96 12.96 13.92 -32.97
CA GLU D 96 11.95 14.33 -33.93
C GLU D 96 11.49 15.77 -33.68
N HIS D 97 11.63 16.24 -32.43
CA HIS D 97 11.21 17.59 -32.07
C HIS D 97 12.32 18.62 -32.34
N PHE D 98 13.50 18.15 -32.73
CA PHE D 98 14.61 19.02 -33.09
C PHE D 98 15.14 18.60 -34.46
N PRO D 99 14.32 18.71 -35.54
CA PRO D 99 14.72 18.26 -36.86
C PRO D 99 15.89 19.03 -37.48
N GLU D 100 16.15 20.23 -36.97
CA GLU D 100 17.26 21.06 -37.43
C GLU D 100 18.59 20.45 -36.99
N ARG D 101 18.58 19.71 -35.87
CA ARG D 101 19.79 19.11 -35.32
C ARG D 101 20.13 17.85 -36.12
N THR D 102 21.33 17.82 -36.69
CA THR D 102 21.80 16.69 -37.48
C THR D 102 22.82 15.87 -36.68
N ASP D 103 22.93 16.15 -35.38
CA ASP D 103 23.89 15.48 -34.51
C ASP D 103 23.17 14.62 -33.49
N LEU D 104 21.89 14.30 -33.74
CA LEU D 104 21.09 13.51 -32.80
C LEU D 104 20.77 12.15 -33.44
N VAL D 105 20.93 11.09 -32.64
CA VAL D 105 20.57 9.74 -33.05
C VAL D 105 19.81 9.09 -31.89
N TRP D 106 19.10 8.00 -32.19
CA TRP D 106 18.49 7.17 -31.16
C TRP D 106 18.89 5.71 -31.37
N PRO D 107 18.90 4.89 -30.30
CA PRO D 107 19.08 3.45 -30.46
C PRO D 107 17.88 2.83 -31.17
N ASP D 108 18.14 1.89 -32.08
CA ASP D 108 17.09 1.37 -32.96
C ASP D 108 17.29 -0.12 -33.19
N ASP D 109 16.23 -0.78 -33.67
CA ASP D 109 16.21 -2.22 -33.87
C ASP D 109 16.57 -2.91 -32.56
N LEU D 110 15.65 -2.78 -31.58
CA LEU D 110 15.95 -3.06 -30.19
C LEU D 110 15.91 -4.56 -29.91
N ILE D 111 16.67 -4.95 -28.89
CA ILE D 111 16.71 -6.30 -28.34
C ILE D 111 16.04 -6.25 -26.97
N ARG D 112 15.13 -7.19 -26.71
CA ARG D 112 14.45 -7.27 -25.42
C ARG D 112 14.74 -8.63 -24.76
N ASP D 113 14.76 -8.63 -23.43
CA ASP D 113 15.06 -9.82 -22.66
C ASP D 113 13.77 -10.61 -22.40
N ALA D 114 13.87 -11.65 -21.56
CA ALA D 114 12.76 -12.55 -21.30
C ALA D 114 11.61 -11.86 -20.58
N ASP D 115 11.89 -10.72 -19.92
CA ASP D 115 10.87 -9.96 -19.21
C ASP D 115 10.32 -8.83 -20.10
N GLY D 116 10.79 -8.76 -21.35
CA GLY D 116 10.28 -7.79 -22.31
C GLY D 116 10.96 -6.42 -22.19
N GLN D 117 12.05 -6.35 -21.42
CA GLN D 117 12.75 -5.10 -21.19
C GLN D 117 13.83 -4.91 -22.25
N VAL D 118 14.01 -3.66 -22.71
CA VAL D 118 15.03 -3.34 -23.69
C VAL D 118 16.40 -3.50 -23.03
N VAL D 119 17.29 -4.26 -23.69
CA VAL D 119 18.62 -4.53 -23.15
C VAL D 119 19.70 -4.13 -24.14
N GLY D 120 19.34 -3.82 -25.39
CA GLY D 120 20.32 -3.48 -26.40
C GLY D 120 19.66 -3.01 -27.69
N ALA D 121 20.50 -2.53 -28.61
CA ALA D 121 20.07 -2.08 -29.92
C ALA D 121 21.09 -2.54 -30.96
N ARG D 122 20.59 -2.87 -32.16
CA ARG D 122 21.43 -3.40 -33.23
C ARG D 122 21.92 -2.29 -34.17
N ARG D 123 21.32 -1.10 -34.07
CA ARG D 123 21.74 0.01 -34.92
C ARG D 123 21.34 1.34 -34.27
N LEU D 124 21.71 2.42 -34.95
CA LEU D 124 21.23 3.76 -34.62
C LEU D 124 20.21 4.18 -35.68
N GLY D 125 19.34 5.11 -35.28
CA GLY D 125 18.43 5.77 -36.20
C GLY D 125 18.61 7.28 -36.14
N CYS D 126 18.23 7.96 -37.22
CA CYS D 126 18.18 9.41 -37.24
C CYS D 126 17.16 9.86 -38.29
N LEU D 127 16.79 11.14 -38.24
CA LEU D 127 15.82 11.70 -39.17
C LEU D 127 16.40 11.71 -40.58
N PRO D 128 15.54 11.75 -41.63
CA PRO D 128 16.02 11.94 -42.99
C PRO D 128 16.94 13.14 -43.14
N ARG D 129 17.99 12.97 -43.95
CA ARG D 129 19.00 14.01 -44.17
C ARG D 129 18.32 15.33 -44.58
N ALA E 4 -2.21 -1.61 42.71
CA ALA E 4 -2.95 -0.59 43.48
C ALA E 4 -3.09 0.73 42.72
N THR E 5 -2.14 1.05 41.82
CA THR E 5 -2.09 2.39 41.25
C THR E 5 -3.28 2.61 40.33
N PRO E 6 -4.18 3.59 40.63
CA PRO E 6 -5.31 3.86 39.74
C PRO E 6 -4.88 4.39 38.37
N VAL E 7 -5.71 4.14 37.35
CA VAL E 7 -5.53 4.70 36.02
C VAL E 7 -6.62 5.74 35.78
N THR E 8 -6.38 6.63 34.81
CA THR E 8 -7.40 7.54 34.31
C THR E 8 -8.07 6.91 33.10
N LEU E 9 -9.40 6.76 33.15
CA LEU E 9 -10.18 6.29 32.01
C LEU E 9 -10.49 7.47 31.10
N VAL E 10 -10.22 7.28 29.79
CA VAL E 10 -10.58 8.26 28.78
C VAL E 10 -11.54 7.61 27.78
N ASN E 11 -12.73 8.20 27.65
CA ASN E 11 -13.77 7.67 26.77
C ASN E 11 -13.57 8.18 25.35
N LEU E 12 -13.30 7.27 24.42
CA LEU E 12 -13.13 7.61 23.01
C LEU E 12 -14.44 7.39 22.24
N THR E 13 -15.45 6.83 22.90
CA THR E 13 -16.74 6.56 22.25
C THR E 13 -17.59 7.82 22.31
N PRO E 14 -18.53 8.03 21.35
CA PRO E 14 -19.32 9.25 21.28
C PRO E 14 -20.43 9.39 22.32
N ALA E 15 -20.82 8.27 22.95
CA ALA E 15 -21.88 8.27 23.92
C ALA E 15 -21.30 8.33 25.33
N GLU E 16 -22.10 8.84 26.27
CA GLU E 16 -21.76 8.77 27.68
C GLU E 16 -21.65 7.30 28.07
N VAL E 17 -20.59 6.94 28.77
CA VAL E 17 -20.42 5.59 29.30
C VAL E 17 -20.68 5.63 30.80
N ILE E 18 -21.59 4.76 31.25
CA ILE E 18 -21.94 4.66 32.66
C ILE E 18 -21.62 3.25 33.12
N LEU E 19 -20.70 3.15 34.09
CA LEU E 19 -20.36 1.90 34.72
C LEU E 19 -21.15 1.82 36.02
N HIS E 20 -22.01 0.80 36.11
CA HIS E 20 -22.81 0.56 37.30
C HIS E 20 -21.98 -0.27 38.30
N LEU E 21 -21.43 0.45 39.29
CA LEU E 21 -20.61 -0.16 40.32
C LEU E 21 -21.42 -0.26 41.62
N ASP E 22 -20.93 -1.08 42.54
CA ASP E 22 -21.46 -1.12 43.89
C ASP E 22 -21.17 0.22 44.54
N GLY E 23 -22.22 0.84 45.10
CA GLY E 23 -22.07 2.13 45.77
C GLY E 23 -22.33 3.31 44.83
N GLY E 24 -22.56 3.03 43.54
CA GLY E 24 -23.07 4.04 42.64
C GLY E 24 -22.26 4.12 41.34
N PRO E 25 -22.77 4.86 40.34
CA PRO E 25 -22.20 4.83 38.99
C PRO E 25 -20.89 5.58 38.85
N LEU E 26 -20.11 5.17 37.84
CA LEU E 26 -19.00 5.95 37.31
C LEU E 26 -19.35 6.39 35.90
N ARG E 27 -19.35 7.71 35.68
CA ARG E 27 -19.83 8.32 34.45
C ARG E 27 -18.66 8.90 33.68
N LEU E 28 -18.54 8.54 32.40
CA LEU E 28 -17.52 9.08 31.51
C LEU E 28 -18.22 9.83 30.38
N PRO E 29 -17.98 11.16 30.20
CA PRO E 29 -18.58 11.91 29.11
C PRO E 29 -18.22 11.36 27.74
N GLY E 30 -19.15 11.51 26.78
CA GLY E 30 -18.90 11.13 25.40
C GLY E 30 -17.82 11.99 24.79
N ALA E 31 -17.14 11.44 23.78
CA ALA E 31 -16.11 12.17 23.04
C ALA E 31 -16.72 13.40 22.38
N ASP E 32 -15.92 14.46 22.25
CA ASP E 32 -16.36 15.74 21.71
C ASP E 32 -16.77 15.59 20.25
N VAL E 33 -16.04 14.74 19.50
CA VAL E 33 -16.32 14.53 18.09
C VAL E 33 -16.69 13.07 17.89
N VAL E 34 -17.70 12.83 17.05
CA VAL E 34 -18.15 11.48 16.72
C VAL E 34 -17.08 10.82 15.84
N PRO E 35 -16.43 9.73 16.32
CA PRO E 35 -15.45 9.02 15.53
C PRO E 35 -16.10 8.05 14.55
N ARG E 36 -15.34 7.61 13.53
CA ARG E 36 -15.90 6.69 12.55
C ARG E 36 -14.89 5.61 12.17
N LEU E 37 -15.44 4.46 11.77
CA LEU E 37 -14.69 3.40 11.13
C LEU E 37 -14.55 3.74 9.65
N LEU E 38 -13.39 3.40 9.08
CA LEU E 38 -13.16 3.51 7.65
C LEU E 38 -13.40 2.13 7.03
N LEU E 39 -14.34 2.04 6.09
CA LEU E 39 -14.68 0.79 5.42
C LEU E 39 -14.60 0.97 3.91
N SER E 40 -14.27 -0.11 3.20
CA SER E 40 -14.43 -0.17 1.75
C SER E 40 -15.92 -0.16 1.43
N GLU E 41 -16.24 0.09 0.16
CA GLU E 41 -17.61 0.16 -0.31
C GLU E 41 -18.24 -1.24 -0.35
N GLY E 42 -17.42 -2.26 -0.52
CA GLY E 42 -17.92 -3.60 -0.80
C GLY E 42 -18.67 -3.63 -2.12
N ARG E 43 -19.51 -4.65 -2.33
CA ARG E 43 -20.36 -4.73 -3.50
C ARG E 43 -21.73 -4.16 -3.15
N GLN E 44 -22.09 -3.06 -3.81
CA GLN E 44 -23.30 -2.33 -3.51
C GLN E 44 -24.46 -2.95 -4.30
N GLU E 45 -25.48 -3.40 -3.56
CA GLU E 45 -26.68 -4.00 -4.13
C GLU E 45 -27.91 -3.40 -3.46
N THR E 46 -29.09 -3.84 -3.90
CA THR E 46 -30.35 -3.42 -3.30
C THR E 46 -31.12 -4.66 -2.89
N LEU E 47 -31.79 -4.60 -1.73
CA LEU E 47 -32.62 -5.68 -1.24
C LEU E 47 -34.07 -5.19 -1.21
N ALA E 48 -34.93 -5.85 -1.99
CA ALA E 48 -36.36 -5.58 -1.95
C ALA E 48 -36.94 -6.18 -0.67
N VAL E 49 -37.58 -5.34 0.16
CA VAL E 49 -38.13 -5.78 1.43
C VAL E 49 -39.59 -5.33 1.52
N TYR E 50 -40.42 -6.14 2.14
CA TYR E 50 -41.79 -5.76 2.45
C TYR E 50 -41.78 -4.64 3.48
N ASP E 51 -42.67 -3.67 3.31
CA ASP E 51 -42.89 -2.63 4.29
C ASP E 51 -43.50 -3.27 5.52
N PRO E 52 -42.87 -3.19 6.72
CA PRO E 52 -43.42 -3.81 7.92
C PRO E 52 -44.80 -3.29 8.29
N GLU E 53 -45.16 -2.10 7.80
CA GLU E 53 -46.50 -1.55 7.99
C GLU E 53 -47.51 -2.29 7.13
N ARG E 54 -47.07 -2.81 5.99
CA ARG E 54 -47.93 -3.49 5.04
C ARG E 54 -47.32 -4.83 4.66
N PRO E 55 -47.29 -5.82 5.59
CA PRO E 55 -46.62 -7.09 5.35
C PRO E 55 -47.22 -7.87 4.18
N GLY E 56 -46.35 -8.38 3.30
CA GLY E 56 -46.74 -9.27 2.23
C GLY E 56 -47.22 -8.54 0.97
N GLU E 57 -47.27 -7.21 1.02
CA GLU E 57 -47.75 -6.40 -0.10
C GLU E 57 -46.57 -5.94 -0.94
N ALA E 58 -46.35 -6.64 -2.07
CA ALA E 58 -45.22 -6.37 -2.95
C ALA E 58 -45.34 -4.99 -3.59
N ALA E 59 -46.58 -4.51 -3.72
CA ALA E 59 -46.87 -3.24 -4.37
C ALA E 59 -46.16 -2.08 -3.67
N VAL E 60 -46.03 -2.18 -2.33
CA VAL E 60 -45.48 -1.09 -1.54
C VAL E 60 -44.19 -1.54 -0.85
N ALA E 61 -43.48 -2.49 -1.47
CA ALA E 61 -42.19 -2.95 -0.95
C ALA E 61 -41.14 -1.84 -1.10
N ARG E 62 -40.15 -1.86 -0.20
CA ARG E 62 -39.11 -0.84 -0.18
C ARG E 62 -37.82 -1.40 -0.76
N GLU E 63 -36.98 -0.52 -1.29
CA GLU E 63 -35.65 -0.87 -1.76
C GLU E 63 -34.63 -0.46 -0.70
N VAL E 64 -33.89 -1.43 -0.16
CA VAL E 64 -32.93 -1.17 0.89
C VAL E 64 -31.52 -1.35 0.34
N PRO E 65 -30.66 -0.31 0.37
CA PRO E 65 -29.25 -0.49 0.02
C PRO E 65 -28.57 -1.50 0.93
N ILE E 66 -27.75 -2.38 0.34
CA ILE E 66 -26.95 -3.31 1.12
C ILE E 66 -25.51 -3.30 0.58
N ALA E 67 -24.56 -3.14 1.50
CA ALA E 67 -23.15 -3.27 1.20
C ALA E 67 -22.70 -4.70 1.50
N VAL E 68 -22.33 -5.43 0.45
CA VAL E 68 -21.87 -6.80 0.61
C VAL E 68 -20.35 -6.78 0.80
N GLY E 69 -19.90 -7.16 1.99
CA GLY E 69 -18.49 -7.40 2.25
C GLY E 69 -17.64 -6.14 2.29
N ALA E 70 -18.19 -5.08 2.90
CA ALA E 70 -17.40 -3.89 3.23
C ALA E 70 -16.31 -4.32 4.21
N THR E 71 -15.06 -3.88 3.93
CA THR E 71 -13.90 -4.37 4.65
C THR E 71 -13.26 -3.23 5.45
N TRP E 72 -12.67 -3.60 6.58
CA TRP E 72 -12.00 -2.67 7.48
C TRP E 72 -10.79 -2.04 6.81
N LEU E 73 -10.76 -0.71 6.78
CA LEU E 73 -9.65 0.06 6.23
C LEU E 73 -8.94 0.85 7.33
N GLY E 74 -9.55 0.98 8.51
CA GLY E 74 -8.95 1.71 9.62
C GLY E 74 -10.02 2.49 10.40
N ILE E 75 -9.54 3.53 11.08
CA ILE E 75 -10.37 4.38 11.92
C ILE E 75 -9.96 5.84 11.72
N ASP E 76 -10.94 6.72 11.87
CA ASP E 76 -10.73 8.15 11.85
C ASP E 76 -11.57 8.83 12.94
N PRO E 77 -10.95 9.41 13.99
CA PRO E 77 -9.51 9.57 14.11
C PRO E 77 -8.77 8.30 14.54
N PRO E 78 -7.43 8.27 14.39
CA PRO E 78 -6.64 7.15 14.92
C PRO E 78 -6.66 7.16 16.44
N LEU E 79 -6.25 6.04 17.05
CA LEU E 79 -6.16 5.97 18.50
C LEU E 79 -5.17 7.02 18.98
N PRO E 80 -5.41 7.69 20.13
CA PRO E 80 -4.37 8.46 20.78
C PRO E 80 -3.17 7.59 21.15
N GLU E 81 -1.98 8.19 21.19
CA GLU E 81 -0.78 7.47 21.59
C GLU E 81 -0.94 6.99 23.04
N PRO E 82 -0.36 5.83 23.41
CA PRO E 82 -0.35 5.41 24.81
C PRO E 82 0.23 6.50 25.72
N ARG E 83 -0.43 6.70 26.86
CA ARG E 83 0.02 7.66 27.86
C ARG E 83 0.11 6.92 29.20
N PRO E 84 1.22 7.07 29.96
CA PRO E 84 1.35 6.41 31.26
C PRO E 84 0.18 6.73 32.18
N GLY E 85 -0.47 5.67 32.70
CA GLY E 85 -1.54 5.81 33.67
C GLY E 85 -2.90 6.10 33.03
N THR E 86 -2.99 5.98 31.70
CA THR E 86 -4.24 6.21 30.98
C THR E 86 -4.68 4.90 30.33
N VAL E 87 -5.97 4.60 30.47
CA VAL E 87 -6.62 3.50 29.76
C VAL E 87 -7.76 4.10 28.95
N TYR E 88 -7.83 3.69 27.67
CA TYR E 88 -8.82 4.24 26.74
C TYR E 88 -10.01 3.29 26.68
N VAL E 89 -11.21 3.86 26.84
CA VAL E 89 -12.45 3.13 26.65
C VAL E 89 -12.88 3.33 25.19
N THR E 90 -12.98 2.21 24.46
CA THR E 90 -13.42 2.24 23.07
C THR E 90 -14.41 1.11 22.87
N SER E 91 -14.69 0.78 21.60
CA SER E 91 -15.54 -0.34 21.26
C SER E 91 -14.71 -1.62 21.21
N ARG E 92 -15.36 -2.78 21.37
N ARG E 92 -15.37 -2.77 21.36
CA ARG E 92 -14.68 -4.04 21.25
CA ARG E 92 -14.69 -4.05 21.26
C ARG E 92 -14.10 -4.21 19.85
C ARG E 92 -14.10 -4.21 19.85
N VAL E 93 -14.85 -3.78 18.83
CA VAL E 93 -14.45 -4.00 17.45
C VAL E 93 -13.15 -3.22 17.17
N VAL E 94 -13.02 -2.02 17.75
CA VAL E 94 -11.78 -1.25 17.60
C VAL E 94 -10.65 -1.94 18.36
N ALA E 95 -10.90 -2.34 19.61
CA ALA E 95 -9.87 -2.96 20.44
C ALA E 95 -9.31 -4.21 19.77
N GLU E 96 -10.19 -5.02 19.16
N GLU E 96 -10.20 -5.02 19.15
CA GLU E 96 -9.78 -6.28 18.54
CA GLU E 96 -9.78 -6.28 18.54
C GLU E 96 -8.89 -6.03 17.33
C GLU E 96 -8.89 -6.03 17.33
N HIS E 97 -9.00 -4.85 16.71
CA HIS E 97 -8.20 -4.51 15.53
C HIS E 97 -6.84 -3.93 15.93
N PHE E 98 -6.63 -3.69 17.23
CA PHE E 98 -5.35 -3.22 17.73
C PHE E 98 -4.91 -4.12 18.88
N PRO E 99 -4.64 -5.41 18.62
CA PRO E 99 -4.33 -6.37 19.67
C PRO E 99 -3.00 -6.10 20.39
N GLU E 100 -2.12 -5.31 19.76
N GLU E 100 -2.12 -5.31 19.76
CA GLU E 100 -0.85 -4.95 20.36
CA GLU E 100 -0.85 -4.93 20.35
C GLU E 100 -1.06 -3.96 21.51
C GLU E 100 -1.06 -3.96 21.51
N ARG E 101 -2.16 -3.20 21.46
CA ARG E 101 -2.46 -2.21 22.48
C ARG E 101 -3.04 -2.91 23.71
N THR E 102 -2.39 -2.72 24.86
CA THR E 102 -2.83 -3.32 26.12
C THR E 102 -3.48 -2.26 27.01
N ASP E 103 -3.76 -1.08 26.44
CA ASP E 103 -4.33 0.02 27.18
C ASP E 103 -5.75 0.32 26.68
N LEU E 104 -6.38 -0.65 26.00
CA LEU E 104 -7.72 -0.48 25.46
C LEU E 104 -8.68 -1.40 26.20
N VAL E 105 -9.86 -0.86 26.56
CA VAL E 105 -10.93 -1.62 27.17
C VAL E 105 -12.24 -1.22 26.47
N TRP E 106 -13.27 -2.07 26.64
CA TRP E 106 -14.61 -1.72 26.20
C TRP E 106 -15.59 -1.93 27.36
N PRO E 107 -16.74 -1.20 27.37
CA PRO E 107 -17.81 -1.49 28.32
C PRO E 107 -18.43 -2.85 28.03
N ASP E 108 -18.75 -3.61 29.08
CA ASP E 108 -19.17 -4.99 28.92
C ASP E 108 -20.26 -5.33 29.93
N ASP E 109 -20.96 -6.44 29.69
CA ASP E 109 -22.10 -6.87 30.50
C ASP E 109 -23.10 -5.72 30.58
N LEU E 110 -23.72 -5.42 29.43
CA LEU E 110 -24.44 -4.16 29.24
C LEU E 110 -25.82 -4.22 29.88
N ILE E 111 -26.30 -3.03 30.23
CA ILE E 111 -27.63 -2.79 30.76
C ILE E 111 -28.43 -2.05 29.70
N ARG E 112 -29.66 -2.53 29.43
CA ARG E 112 -30.51 -1.91 28.43
C ARG E 112 -31.80 -1.42 29.07
N ASP E 113 -32.38 -0.36 28.50
CA ASP E 113 -33.57 0.28 29.03
C ASP E 113 -34.81 -0.39 28.44
N ALA E 114 -35.99 0.21 28.69
CA ALA E 114 -37.26 -0.36 28.28
C ALA E 114 -37.41 -0.40 26.76
N ASP E 115 -36.64 0.43 26.06
CA ASP E 115 -36.67 0.47 24.59
C ASP E 115 -35.57 -0.40 23.99
N GLY E 116 -34.80 -1.08 24.84
CA GLY E 116 -33.76 -2.01 24.40
C GLY E 116 -32.45 -1.31 24.06
N GLN E 117 -32.32 -0.03 24.45
CA GLN E 117 -31.12 0.74 24.18
C GLN E 117 -30.12 0.59 25.33
N VAL E 118 -28.83 0.54 25.00
CA VAL E 118 -27.78 0.42 26.00
C VAL E 118 -27.71 1.72 26.80
N VAL E 119 -27.73 1.60 28.13
CA VAL E 119 -27.70 2.76 29.01
C VAL E 119 -26.57 2.66 30.03
N GLY E 120 -25.92 1.50 30.12
CA GLY E 120 -24.86 1.30 31.11
C GLY E 120 -24.15 -0.03 30.93
N ALA E 121 -23.12 -0.26 31.74
CA ALA E 121 -22.33 -1.48 31.72
C ALA E 121 -21.93 -1.85 33.15
N ARG E 122 -21.84 -3.15 33.43
CA ARG E 122 -21.53 -3.64 34.77
C ARG E 122 -20.04 -3.89 34.94
N ARG E 123 -19.29 -3.94 33.82
CA ARG E 123 -17.85 -4.21 33.90
C ARG E 123 -17.16 -3.68 32.65
N LEU E 124 -15.82 -3.82 32.63
CA LEU E 124 -15.02 -3.59 31.44
C LEU E 124 -14.57 -4.95 30.88
N GLY E 125 -14.26 -4.96 29.58
CA GLY E 125 -13.64 -6.10 28.93
C GLY E 125 -12.35 -5.67 28.23
N CYS E 126 -11.44 -6.63 28.02
CA CYS E 126 -10.25 -6.39 27.23
C CYS E 126 -9.78 -7.72 26.64
N LEU E 127 -8.86 -7.64 25.67
CA LEU E 127 -8.34 -8.81 24.98
C LEU E 127 -7.53 -9.65 25.97
N PRO E 128 -7.42 -10.98 25.73
CA PRO E 128 -6.67 -11.85 26.64
C PRO E 128 -5.22 -11.41 26.88
N THR F 5 -19.14 2.28 -14.68
CA THR F 5 -18.77 0.87 -14.97
C THR F 5 -17.28 0.81 -15.26
N PRO F 6 -16.48 0.04 -14.47
CA PRO F 6 -15.06 -0.11 -14.75
C PRO F 6 -14.77 -0.80 -16.09
N VAL F 7 -13.59 -0.50 -16.65
CA VAL F 7 -13.13 -1.12 -17.88
C VAL F 7 -12.00 -2.10 -17.54
N THR F 8 -11.76 -3.05 -18.45
CA THR F 8 -10.66 -4.00 -18.33
C THR F 8 -9.48 -3.44 -19.13
N LEU F 9 -8.33 -3.28 -18.46
CA LEU F 9 -7.10 -2.88 -19.13
C LEU F 9 -6.43 -4.12 -19.69
N VAL F 10 -6.03 -4.04 -20.97
CA VAL F 10 -5.28 -5.10 -21.62
C VAL F 10 -3.94 -4.52 -22.07
N ASN F 11 -2.84 -5.10 -21.57
CA ASN F 11 -1.50 -4.63 -21.86
C ASN F 11 -1.01 -5.28 -23.16
N LEU F 12 -0.77 -4.45 -24.18
CA LEU F 12 -0.27 -4.91 -25.47
C LEU F 12 1.26 -4.75 -25.53
N THR F 13 1.86 -4.13 -24.51
CA THR F 13 3.31 -3.92 -24.49
C THR F 13 3.97 -5.17 -23.91
N PRO F 14 5.23 -5.47 -24.27
CA PRO F 14 5.88 -6.71 -23.85
C PRO F 14 6.38 -6.72 -22.40
N ALA F 15 6.48 -5.54 -21.78
CA ALA F 15 6.95 -5.46 -20.41
C ALA F 15 5.76 -5.35 -19.45
N GLU F 16 6.00 -5.77 -18.19
N GLU F 16 6.01 -5.75 -18.19
CA GLU F 16 5.03 -5.56 -17.13
CA GLU F 16 5.03 -5.58 -17.13
C GLU F 16 4.82 -4.06 -16.96
C GLU F 16 4.82 -4.07 -16.96
N VAL F 17 3.55 -3.65 -16.87
CA VAL F 17 3.21 -2.26 -16.61
C VAL F 17 2.71 -2.15 -15.18
N ILE F 18 3.29 -1.22 -14.41
CA ILE F 18 2.82 -0.94 -13.07
C ILE F 18 2.33 0.50 -13.01
N LEU F 19 1.05 0.67 -12.64
CA LEU F 19 0.49 1.98 -12.35
C LEU F 19 0.54 2.19 -10.83
N HIS F 20 1.33 3.18 -10.41
CA HIS F 20 1.52 3.47 -9.00
C HIS F 20 0.45 4.45 -8.56
N LEU F 21 -0.62 3.92 -7.96
CA LEU F 21 -1.79 4.69 -7.59
C LEU F 21 -1.81 4.92 -6.09
N ASP F 22 -2.62 5.88 -5.67
CA ASP F 22 -2.93 6.06 -4.26
C ASP F 22 -3.69 4.82 -3.80
N GLY F 23 -3.23 4.21 -2.71
CA GLY F 23 -3.88 3.02 -2.18
C GLY F 23 -3.28 1.73 -2.74
N GLY F 24 -2.31 1.84 -3.66
CA GLY F 24 -1.46 0.71 -4.00
C GLY F 24 -1.34 0.53 -5.51
N PRO F 25 -0.36 -0.28 -5.98
CA PRO F 25 -0.11 -0.43 -7.40
C PRO F 25 -1.15 -1.28 -8.14
N LEU F 26 -1.28 -1.01 -9.43
CA LEU F 26 -2.04 -1.84 -10.35
C LEU F 26 -1.05 -2.43 -11.36
N ARG F 27 -0.96 -3.76 -11.42
CA ARG F 27 0.06 -4.44 -12.19
C ARG F 27 -0.59 -5.15 -13.38
N LEU F 28 -0.05 -4.91 -14.58
CA LEU F 28 -0.52 -5.55 -15.81
C LEU F 28 0.60 -6.40 -16.37
N PRO F 29 0.41 -7.74 -16.53
CA PRO F 29 1.45 -8.57 -17.12
C PRO F 29 1.80 -8.17 -18.55
N GLY F 30 3.06 -8.40 -18.93
CA GLY F 30 3.51 -8.15 -20.30
C GLY F 30 2.80 -9.07 -21.29
N ALA F 31 2.69 -8.61 -22.54
CA ALA F 31 2.16 -9.43 -23.62
C ALA F 31 3.03 -10.68 -23.80
N ASP F 32 2.39 -11.78 -24.22
CA ASP F 32 3.05 -13.06 -24.39
C ASP F 32 4.10 -12.98 -25.50
N VAL F 33 3.78 -12.22 -26.56
CA VAL F 33 4.64 -12.13 -27.73
C VAL F 33 5.10 -10.68 -27.89
N VAL F 34 6.38 -10.51 -28.23
CA VAL F 34 6.97 -9.21 -28.45
C VAL F 34 6.42 -8.65 -29.76
N PRO F 35 5.66 -7.53 -29.73
CA PRO F 35 5.16 -6.90 -30.95
C PRO F 35 6.23 -6.00 -31.59
N ARG F 36 6.06 -5.67 -32.87
CA ARG F 36 7.08 -4.84 -33.54
C ARG F 36 6.43 -3.79 -34.43
N LEU F 37 7.16 -2.68 -34.59
CA LEU F 37 6.87 -1.67 -35.59
C LEU F 37 7.40 -2.14 -36.93
N LEU F 38 6.67 -1.81 -38.00
CA LEU F 38 7.15 -2.00 -39.36
C LEU F 38 7.73 -0.69 -39.85
N LEU F 39 9.01 -0.72 -40.22
CA LEU F 39 9.74 0.46 -40.66
C LEU F 39 10.35 0.18 -42.04
N SER F 40 10.46 1.24 -42.85
CA SER F 40 11.26 1.20 -44.06
C SER F 40 12.73 1.07 -43.70
N GLU F 41 13.55 0.70 -44.68
CA GLU F 41 14.97 0.50 -44.45
C GLU F 41 15.67 1.84 -44.26
N GLY F 42 15.12 2.91 -44.83
CA GLY F 42 15.80 4.20 -44.88
C GLY F 42 17.07 4.06 -45.73
N ARG F 43 18.01 4.99 -45.54
CA ARG F 43 19.33 4.87 -46.15
C ARG F 43 20.27 4.21 -45.15
N GLN F 44 20.77 3.02 -45.50
CA GLN F 44 21.63 2.25 -44.62
C GLN F 44 23.07 2.70 -44.79
N GLU F 45 23.67 3.16 -43.68
CA GLU F 45 25.04 3.65 -43.68
C GLU F 45 25.76 3.07 -42.46
N THR F 46 27.03 3.44 -42.32
CA THR F 46 27.82 3.12 -41.15
C THR F 46 28.35 4.42 -40.56
N LEU F 47 28.37 4.50 -39.22
CA LEU F 47 28.92 5.63 -38.50
C LEU F 47 30.17 5.16 -37.75
N ALA F 48 31.32 5.75 -38.10
CA ALA F 48 32.56 5.50 -37.39
C ALA F 48 32.51 6.24 -36.06
N VAL F 49 32.69 5.49 -34.96
CA VAL F 49 32.62 6.06 -33.62
C VAL F 49 33.85 5.61 -32.85
N TYR F 50 34.36 6.47 -31.95
CA TYR F 50 35.42 6.09 -31.03
C TYR F 50 34.89 5.03 -30.06
N ASP F 51 35.73 4.04 -29.77
CA ASP F 51 35.45 3.06 -28.75
C ASP F 51 35.48 3.77 -27.40
N PRO F 52 34.36 3.79 -26.62
CA PRO F 52 34.35 4.48 -25.33
C PRO F 52 35.41 3.96 -24.35
N GLU F 53 35.87 2.72 -24.57
CA GLU F 53 36.94 2.14 -23.77
C GLU F 53 38.27 2.78 -24.12
N ARG F 54 38.41 3.24 -25.38
CA ARG F 54 39.66 3.80 -25.88
C ARG F 54 39.37 5.15 -26.54
N PRO F 55 38.98 6.19 -25.76
CA PRO F 55 38.54 7.46 -26.32
C PRO F 55 39.62 8.17 -27.14
N GLY F 56 39.23 8.63 -28.34
CA GLY F 56 40.08 9.48 -29.15
C GLY F 56 41.04 8.69 -30.04
N GLU F 57 41.03 7.35 -29.92
CA GLU F 57 41.93 6.50 -30.67
C GLU F 57 41.23 6.02 -31.94
N ALA F 58 41.54 6.65 -33.07
CA ALA F 58 40.91 6.36 -34.35
C ALA F 58 41.25 4.94 -34.82
N ALA F 59 42.41 4.44 -34.38
CA ALA F 59 42.92 3.14 -34.79
C ALA F 59 41.94 2.03 -34.42
N VAL F 60 41.25 2.18 -33.28
CA VAL F 60 40.38 1.14 -32.75
C VAL F 60 38.94 1.65 -32.69
N ALA F 61 38.58 2.54 -33.61
CA ALA F 61 37.21 3.04 -33.73
C ALA F 61 36.29 1.92 -34.21
N ARG F 62 35.01 2.01 -33.84
CA ARG F 62 34.03 0.98 -34.16
C ARG F 62 33.14 1.48 -35.30
N GLU F 63 32.60 0.53 -36.06
CA GLU F 63 31.64 0.81 -37.11
C GLU F 63 30.24 0.51 -36.60
N VAL F 64 29.38 1.53 -36.56
CA VAL F 64 28.02 1.37 -36.05
C VAL F 64 27.05 1.47 -37.22
N PRO F 65 26.22 0.44 -37.49
CA PRO F 65 25.16 0.57 -38.49
C PRO F 65 24.17 1.67 -38.11
N ILE F 66 23.77 2.49 -39.10
CA ILE F 66 22.78 3.52 -38.87
C ILE F 66 21.77 3.50 -40.02
N ALA F 67 20.48 3.49 -39.65
CA ALA F 67 19.39 3.65 -40.61
C ALA F 67 18.99 5.11 -40.64
N VAL F 68 19.26 5.78 -41.77
CA VAL F 68 18.95 7.19 -41.93
C VAL F 68 17.53 7.32 -42.48
N GLY F 69 16.63 7.84 -41.65
CA GLY F 69 15.27 8.17 -42.08
C GLY F 69 14.41 6.95 -42.34
N ALA F 70 14.55 5.91 -41.50
CA ALA F 70 13.60 4.80 -41.51
C ALA F 70 12.22 5.33 -41.12
N THR F 71 11.19 4.97 -41.90
CA THR F 71 9.87 5.59 -41.80
C THR F 71 8.84 4.55 -41.36
N TRP F 72 7.81 5.03 -40.65
CA TRP F 72 6.70 4.23 -40.19
C TRP F 72 5.93 3.62 -41.37
N LEU F 73 5.79 2.29 -41.38
CA LEU F 73 4.99 1.59 -42.36
C LEU F 73 3.73 1.00 -41.73
N GLY F 74 3.78 0.72 -40.42
CA GLY F 74 2.66 0.08 -39.74
C GLY F 74 3.14 -0.71 -38.52
N ILE F 75 2.34 -1.70 -38.10
CA ILE F 75 2.64 -2.49 -36.92
C ILE F 75 2.31 -3.96 -37.19
N ASP F 76 3.07 -4.84 -36.55
CA ASP F 76 2.84 -6.28 -36.57
C ASP F 76 3.04 -6.89 -35.19
N PRO F 77 1.97 -7.40 -34.51
CA PRO F 77 0.64 -7.53 -35.08
C PRO F 77 -0.15 -6.23 -35.14
N PRO F 78 -1.27 -6.20 -35.89
CA PRO F 78 -2.19 -5.07 -35.83
C PRO F 78 -2.88 -4.98 -34.48
N LEU F 79 -3.48 -3.84 -34.18
CA LEU F 79 -4.23 -3.67 -32.94
C LEU F 79 -5.36 -4.68 -32.91
N PRO F 80 -5.68 -5.27 -31.73
CA PRO F 80 -6.93 -6.00 -31.58
C PRO F 80 -8.15 -5.12 -31.88
N GLU F 81 -9.24 -5.73 -32.35
CA GLU F 81 -10.46 -5.01 -32.63
C GLU F 81 -10.99 -4.40 -31.33
N PRO F 82 -11.64 -3.22 -31.38
CA PRO F 82 -12.31 -2.68 -30.19
C PRO F 82 -13.29 -3.69 -29.58
N ARG F 83 -13.25 -3.81 -28.25
CA ARG F 83 -14.15 -4.66 -27.51
C ARG F 83 -14.85 -3.83 -26.44
N PRO F 84 -16.19 -3.89 -26.30
CA PRO F 84 -16.88 -3.14 -25.26
C PRO F 84 -16.32 -3.40 -23.86
N GLY F 85 -15.94 -2.32 -23.17
CA GLY F 85 -15.46 -2.40 -21.80
C GLY F 85 -13.98 -2.75 -21.70
N THR F 86 -13.26 -2.72 -22.84
CA THR F 86 -11.83 -2.98 -22.86
C THR F 86 -11.11 -1.72 -23.32
N VAL F 87 -10.02 -1.38 -22.60
CA VAL F 87 -9.10 -0.34 -23.01
C VAL F 87 -7.72 -0.97 -23.14
N TYR F 88 -7.03 -0.68 -24.25
CA TYR F 88 -5.74 -1.29 -24.54
C TYR F 88 -4.63 -0.34 -24.11
N VAL F 89 -3.66 -0.87 -23.36
CA VAL F 89 -2.47 -0.15 -22.99
C VAL F 89 -1.40 -0.46 -24.03
N THR F 90 -0.92 0.59 -24.71
CA THR F 90 0.13 0.44 -25.71
C THR F 90 1.14 1.57 -25.50
N SER F 91 1.99 1.79 -26.50
CA SER F 91 2.94 2.89 -26.50
C SER F 91 2.27 4.15 -27.04
N ARG F 92 2.80 5.32 -26.67
CA ARG F 92 2.30 6.57 -27.20
C ARG F 92 2.47 6.61 -28.71
N VAL F 93 3.61 6.10 -29.20
CA VAL F 93 3.92 6.19 -30.63
C VAL F 93 2.89 5.40 -31.43
N VAL F 94 2.44 4.25 -30.91
CA VAL F 94 1.42 3.46 -31.58
C VAL F 94 0.09 4.22 -31.52
N ALA F 95 -0.28 4.71 -30.32
CA ALA F 95 -1.56 5.38 -30.14
C ALA F 95 -1.69 6.59 -31.06
N GLU F 96 -0.60 7.34 -31.24
CA GLU F 96 -0.61 8.56 -32.04
C GLU F 96 -0.85 8.23 -33.52
N HIS F 97 -0.49 7.01 -33.93
CA HIS F 97 -0.66 6.60 -35.32
C HIS F 97 -2.05 6.03 -35.58
N PHE F 98 -2.86 5.89 -34.52
CA PHE F 98 -4.24 5.44 -34.65
C PHE F 98 -5.15 6.42 -33.92
N PRO F 99 -5.23 7.70 -34.37
CA PRO F 99 -6.01 8.72 -33.69
C PRO F 99 -7.51 8.48 -33.68
N GLU F 100 -7.99 7.63 -34.60
CA GLU F 100 -9.40 7.28 -34.66
C GLU F 100 -9.80 6.39 -33.49
N ARG F 101 -8.82 5.65 -32.94
CA ARG F 101 -9.08 4.74 -31.83
C ARG F 101 -9.14 5.54 -30.53
N THR F 102 -10.27 5.44 -29.82
CA THR F 102 -10.48 6.14 -28.56
C THR F 102 -10.36 5.16 -27.39
N ASP F 103 -9.87 3.94 -27.66
CA ASP F 103 -9.75 2.91 -26.65
C ASP F 103 -8.28 2.58 -26.38
N LEU F 104 -7.38 3.49 -26.78
CA LEU F 104 -5.94 3.29 -26.60
C LEU F 104 -5.41 4.29 -25.58
N VAL F 105 -4.58 3.79 -24.66
CA VAL F 105 -3.92 4.62 -23.67
C VAL F 105 -2.45 4.17 -23.61
N TRP F 106 -1.61 5.05 -23.05
CA TRP F 106 -0.23 4.70 -22.74
C TRP F 106 0.07 5.02 -21.29
N PRO F 107 1.04 4.32 -20.65
CA PRO F 107 1.51 4.72 -19.34
C PRO F 107 2.24 6.05 -19.41
N ASP F 108 2.02 6.91 -18.40
CA ASP F 108 2.51 8.28 -18.48
C ASP F 108 2.97 8.74 -17.10
N ASP F 109 3.75 9.83 -17.08
CA ASP F 109 4.37 10.36 -15.88
C ASP F 109 5.17 9.24 -15.21
N LEU F 110 6.25 8.84 -15.88
CA LEU F 110 6.93 7.59 -15.57
C LEU F 110 7.85 7.75 -14.36
N ILE F 111 8.05 6.63 -13.67
CA ILE F 111 8.95 6.50 -12.54
C ILE F 111 10.14 5.66 -12.98
N ARG F 112 11.36 6.13 -12.69
CA ARG F 112 12.57 5.41 -13.04
CA ARG F 112 12.56 5.40 -13.03
C ARG F 112 13.35 5.08 -11.76
N ASP F 113 14.06 3.95 -11.79
CA ASP F 113 14.82 3.47 -10.66
C ASP F 113 16.23 4.08 -10.69
N ALA F 114 17.09 3.59 -9.79
CA ALA F 114 18.44 4.14 -9.62
C ALA F 114 19.31 3.87 -10.84
N ASP F 115 18.94 2.91 -11.68
CA ASP F 115 19.68 2.59 -12.90
C ASP F 115 19.06 3.30 -14.11
N GLY F 116 18.03 4.11 -13.89
CA GLY F 116 17.41 4.90 -14.94
C GLY F 116 16.37 4.13 -15.73
N GLN F 117 15.98 2.95 -15.23
CA GLN F 117 15.04 2.09 -15.93
C GLN F 117 13.62 2.43 -15.48
N VAL F 118 12.67 2.40 -16.43
CA VAL F 118 11.27 2.64 -16.11
C VAL F 118 10.75 1.47 -15.27
N VAL F 119 10.12 1.79 -14.14
CA VAL F 119 9.61 0.78 -13.23
C VAL F 119 8.12 0.98 -12.95
N GLY F 120 7.57 2.13 -13.34
CA GLY F 120 6.17 2.39 -13.10
C GLY F 120 5.71 3.69 -13.77
N ALA F 121 4.40 3.93 -13.66
CA ALA F 121 3.77 5.14 -14.18
C ALA F 121 2.74 5.63 -13.17
N ARG F 122 2.57 6.96 -13.10
CA ARG F 122 1.67 7.57 -12.13
C ARG F 122 0.29 7.82 -12.73
N ARG F 123 0.17 7.74 -14.07
CA ARG F 123 -1.10 7.99 -14.73
C ARG F 123 -1.12 7.31 -16.09
N LEU F 124 -2.27 7.42 -16.76
CA LEU F 124 -2.40 7.06 -18.17
C LEU F 124 -2.48 8.33 -18.99
N GLY F 125 -2.10 8.22 -20.26
CA GLY F 125 -2.30 9.27 -21.23
C GLY F 125 -3.10 8.76 -22.42
N CYS F 126 -3.76 9.68 -23.13
CA CYS F 126 -4.44 9.36 -24.37
C CYS F 126 -4.52 10.64 -25.21
N LEU F 127 -4.85 10.47 -26.50
CA LEU F 127 -4.93 11.60 -27.42
C LEU F 127 -6.12 12.48 -27.04
N PRO F 128 -6.14 13.75 -27.48
CA PRO F 128 -7.33 14.60 -27.33
C PRO F 128 -8.59 13.93 -27.90
N ARG F 129 -9.72 14.08 -27.20
CA ARG F 129 -10.97 13.47 -27.61
C ARG F 129 -12.01 13.64 -26.49
MG MG J . 26.43 3.06 -2.10
MG MG K . -38.88 -3.30 22.69
MG MG L . 23.04 5.74 -14.22
MG MG M . 13.29 -8.68 -29.03
MG MG N . 12.37 -1.08 6.95
MG MG N . 12.48 -2.99 7.07
MG MG O . -21.16 -2.28 19.45
MG MG O . -22.11 -2.48 17.77
MG MG P . 10.49 5.30 -26.00
MG MG P . 10.93 4.94 -23.98
#